data_6BFG
#
_entry.id   6BFG
#
_cell.length_a   123.358
_cell.length_b   129.879
_cell.length_c   143.260
_cell.angle_alpha   90.00
_cell.angle_beta   90.00
_cell.angle_gamma   90.00
#
_symmetry.space_group_name_H-M   'I 2 2 2'
#
loop_
_entity.id
_entity.type
_entity.pdbx_description
1 polymer '(S)-mandelate dehydrogenase'
2 non-polymer 'FLAVIN MONONUCLEOTIDE'
3 non-polymer GLYCEROL
4 non-polymer 'SULFATE ION'
5 non-polymer 1,2-ETHANEDIOL
6 non-polymer 'CITRIC ACID'
7 non-polymer DI(HYDROXYETHYL)ETHER
8 non-polymer 'PHOSPHATE ION'
9 non-polymer 'SODIUM ION'
10 non-polymer DODECYL-BETA-D-MALTOSIDE
11 water water
#
_entity_poly.entity_id   1
_entity_poly.type   'polypeptide(L)'
_entity_poly.pdbx_seq_one_letter_code
;MSQNLFNVEDYRKLRQKRLPKMVYDYLEGGAEDEYGVKHNRDVFQQWRFKPKRLVDVSRRSLQAEVLGKRQSMPLLIGPT
GLNGALWPKGDLALARAATKAGIPFVLSTASNMSIEDLARQCDGDLWFQLYVIHREIAQGMVLKALHTGYTTLVLTTDVA
VNGYRERDLHNRFKIPMSYSAKVVLDGCLHPRWSLDFVRHGMPQLANFVSSQTSSLEMQAALMSRQMDASFNWEALRWLR
DLWPHKLLVKGLLSAEDADRCIAEGADGVILSNHGGRQLDCAISPMEVLAQSVAKTGKPVLIDSGFRRGSDIVKALALGA
EAVLLGRATLYGLAARGETGVDEVLTLLKADIDRTLAQIGCPDITSLSPDYLQNEGVTNTAPVDHLIGKGTHAHHHHHH
;
_entity_poly.pdbx_strand_id   A,B
#
loop_
_chem_comp.id
_chem_comp.type
_chem_comp.name
_chem_comp.formula
CIT non-polymer 'CITRIC ACID' 'C6 H8 O7'
EDO non-polymer 1,2-ETHANEDIOL 'C2 H6 O2'
FMN non-polymer 'FLAVIN MONONUCLEOTIDE' 'C17 H21 N4 O9 P'
GOL non-polymer GLYCEROL 'C3 H8 O3'
LMT D-saccharide DODECYL-BETA-D-MALTOSIDE 'C24 H46 O11'
NA non-polymer 'SODIUM ION' 'Na 1'
PEG non-polymer DI(HYDROXYETHYL)ETHER 'C4 H10 O3'
PO4 non-polymer 'PHOSPHATE ION' 'O4 P -3'
SO4 non-polymer 'SULFATE ION' 'O4 S -2'
#
# COMPACT_ATOMS: atom_id res chain seq x y z
N GLN A 3 7.92 -34.09 -16.60
CA GLN A 3 8.13 -33.25 -17.79
C GLN A 3 9.43 -32.41 -17.70
N ASN A 4 9.39 -31.19 -18.23
CA ASN A 4 10.47 -30.22 -18.10
C ASN A 4 10.30 -29.37 -16.85
N LEU A 5 10.36 -30.03 -15.69
CA LEU A 5 10.13 -29.38 -14.43
C LEU A 5 11.43 -29.51 -13.65
N PHE A 6 12.21 -28.43 -13.60
CA PHE A 6 13.54 -28.49 -13.01
C PHE A 6 13.72 -27.48 -11.89
N ASN A 7 12.73 -26.63 -11.64
CA ASN A 7 12.80 -25.69 -10.54
C ASN A 7 11.39 -25.28 -10.15
N VAL A 8 11.31 -24.44 -9.12
CA VAL A 8 10.01 -23.97 -8.60
C VAL A 8 9.22 -23.21 -9.64
N GLU A 9 9.88 -22.36 -10.43
CA GLU A 9 9.19 -21.55 -11.44
C GLU A 9 8.49 -22.42 -12.49
N ASP A 10 9.07 -23.57 -12.84
CA ASP A 10 8.41 -24.48 -13.78
C ASP A 10 7.10 -25.01 -13.23
N TYR A 11 6.99 -25.16 -11.91
CA TYR A 11 5.71 -25.56 -11.35
C TYR A 11 4.73 -24.40 -11.31
N ARG A 12 5.22 -23.16 -11.08
CA ARG A 12 4.36 -21.99 -11.21
C ARG A 12 3.76 -21.95 -12.60
N LYS A 13 4.57 -22.14 -13.62
CA LYS A 13 4.04 -22.15 -14.97
C LYS A 13 2.95 -23.19 -15.09
N LEU A 14 3.16 -24.35 -14.48
CA LEU A 14 2.22 -25.45 -14.59
C LEU A 14 0.94 -25.15 -13.79
N ARG A 15 1.07 -24.64 -12.56
CA ARG A 15 -0.13 -24.25 -11.81
C ARG A 15 -0.94 -23.21 -12.57
N GLN A 16 -0.27 -22.27 -13.23
CA GLN A 16 -0.98 -21.20 -13.92
C GLN A 16 -1.84 -21.74 -15.06
N LYS A 17 -1.45 -22.89 -15.63
CA LYS A 17 -2.22 -23.45 -16.74
C LYS A 17 -3.43 -24.21 -16.25
N ARG A 18 -3.32 -24.89 -15.10
CA ARG A 18 -4.41 -25.70 -14.61
C ARG A 18 -5.45 -24.87 -13.85
N LEU A 19 -4.98 -23.94 -13.00
CA LEU A 19 -5.86 -23.12 -12.17
C LEU A 19 -6.62 -22.11 -13.01
N PRO A 20 -7.90 -21.85 -12.71
CA PRO A 20 -8.57 -20.72 -13.35
C PRO A 20 -7.92 -19.41 -12.93
N LYS A 21 -7.98 -18.42 -13.82
CA LYS A 21 -7.31 -17.14 -13.56
C LYS A 21 -7.65 -16.55 -12.19
N MET A 22 -8.91 -16.66 -11.76
CA MET A 22 -9.28 -16.08 -10.47
C MET A 22 -8.58 -16.76 -9.31
N VAL A 23 -8.43 -18.10 -9.37
CA VAL A 23 -7.78 -18.84 -8.30
C VAL A 23 -6.27 -18.63 -8.36
N TYR A 24 -5.71 -18.63 -9.57
CA TYR A 24 -4.30 -18.32 -9.68
C TYR A 24 -3.98 -16.93 -9.10
N ASP A 25 -4.85 -15.95 -9.35
CA ASP A 25 -4.65 -14.61 -8.80
C ASP A 25 -4.79 -14.55 -7.29
N TYR A 26 -5.67 -15.36 -6.68
CA TYR A 26 -5.69 -15.45 -5.22
C TYR A 26 -4.38 -16.03 -4.68
N LEU A 27 -3.87 -17.07 -5.33
CA LEU A 27 -2.62 -17.66 -4.88
C LEU A 27 -1.44 -16.72 -5.08
N GLU A 28 -1.34 -16.11 -6.27
CA GLU A 28 -0.12 -15.38 -6.65
C GLU A 28 -0.12 -13.94 -6.16
N GLY A 29 -1.29 -13.33 -6.03
CA GLY A 29 -1.35 -11.90 -5.83
C GLY A 29 -0.73 -11.46 -4.52
N GLY A 30 -0.43 -10.18 -4.46
CA GLY A 30 -0.06 -9.53 -3.22
C GLY A 30 -0.88 -8.25 -3.06
N ALA A 31 -0.47 -7.41 -2.13
CA ALA A 31 -1.24 -6.23 -1.80
C ALA A 31 -0.96 -5.09 -2.78
N GLU A 32 -2.03 -4.36 -3.13
CA GLU A 32 -1.90 -3.10 -3.88
C GLU A 32 -1.01 -3.20 -5.12
N ASP A 33 0.12 -2.50 -5.11
CA ASP A 33 0.91 -2.39 -6.34
C ASP A 33 1.81 -3.59 -6.55
N GLU A 34 1.91 -4.45 -5.53
CA GLU A 34 2.78 -5.63 -5.54
C GLU A 34 4.24 -5.26 -5.64
N TYR A 35 4.59 -4.04 -5.19
CA TYR A 35 5.99 -3.74 -4.95
C TYR A 35 6.60 -4.67 -3.92
N GLY A 36 5.78 -5.13 -2.97
CA GLY A 36 6.30 -5.95 -1.86
C GLY A 36 6.71 -7.33 -2.29
N VAL A 37 5.84 -8.05 -3.01
CA VAL A 37 6.26 -9.36 -3.50
C VAL A 37 7.50 -9.21 -4.35
N LYS A 38 7.56 -8.12 -5.14
CA LYS A 38 8.75 -7.91 -5.96
C LYS A 38 9.99 -7.71 -5.08
N HIS A 39 9.87 -6.83 -4.09
CA HIS A 39 10.99 -6.62 -3.16
C HIS A 39 11.37 -7.90 -2.43
N ASN A 40 10.40 -8.77 -2.11
CA ASN A 40 10.71 -10.02 -1.41
C ASN A 40 11.67 -10.88 -2.20
N ARG A 41 11.53 -10.92 -3.54
CA ARG A 41 12.49 -11.62 -4.39
C ARG A 41 13.79 -10.85 -4.53
N ASP A 42 13.71 -9.57 -4.85
CA ASP A 42 14.91 -8.80 -5.20
C ASP A 42 15.89 -8.75 -4.04
N VAL A 43 15.39 -8.75 -2.82
CA VAL A 43 16.29 -8.53 -1.71
C VAL A 43 17.31 -9.65 -1.65
N PHE A 44 16.99 -10.81 -2.20
CA PHE A 44 17.97 -11.88 -2.11
C PHE A 44 19.20 -11.57 -2.95
N GLN A 45 19.12 -10.62 -3.88
CA GLN A 45 20.29 -10.24 -4.65
C GLN A 45 21.23 -9.33 -3.87
N GLN A 46 20.89 -8.97 -2.64
CA GLN A 46 21.82 -8.17 -1.85
C GLN A 46 22.99 -8.98 -1.31
N TRP A 47 22.98 -10.30 -1.47
CA TRP A 47 24.09 -11.15 -1.02
C TRP A 47 24.54 -12.02 -2.18
N ARG A 48 25.85 -12.16 -2.30
CA ARG A 48 26.41 -13.19 -3.15
C ARG A 48 27.34 -14.05 -2.30
N PHE A 49 27.78 -15.15 -2.89
CA PHE A 49 28.49 -16.22 -2.22
C PHE A 49 30.01 -16.11 -2.43
N LYS A 50 30.79 -16.28 -1.35
CA LYS A 50 32.24 -16.48 -1.43
C LYS A 50 32.58 -17.92 -1.07
N PRO A 51 32.66 -18.82 -2.04
CA PRO A 51 32.96 -20.23 -1.74
C PRO A 51 34.32 -20.45 -1.09
N LYS A 52 34.37 -21.45 -0.20
CA LYS A 52 35.63 -21.93 0.35
C LYS A 52 36.01 -23.19 -0.43
N ARG A 53 37.17 -23.14 -1.08
CA ARG A 53 37.65 -24.20 -1.95
C ARG A 53 38.58 -25.14 -1.18
N LEU A 54 38.81 -26.31 -1.78
CA LEU A 54 39.69 -27.30 -1.19
C LEU A 54 39.19 -27.74 0.18
N VAL A 55 37.86 -27.75 0.30
CA VAL A 55 37.14 -28.35 1.41
C VAL A 55 36.53 -29.65 0.92
N ASP A 56 36.68 -30.69 1.73
CA ASP A 56 36.08 -31.98 1.44
C ASP A 56 34.57 -31.85 1.59
N VAL A 57 33.84 -32.02 0.48
CA VAL A 57 32.39 -31.94 0.45
C VAL A 57 31.81 -33.20 -0.16
N SER A 58 32.52 -34.33 0.01
CA SER A 58 32.04 -35.61 -0.53
C SER A 58 30.87 -36.16 0.28
N ARG A 59 30.82 -35.89 1.58
CA ARG A 59 29.71 -36.31 2.45
C ARG A 59 29.03 -35.06 2.98
N ARG A 60 27.85 -34.75 2.45
CA ARG A 60 27.09 -33.60 2.89
C ARG A 60 25.93 -34.06 3.75
N SER A 61 25.55 -33.21 4.71
CA SER A 61 24.38 -33.43 5.57
C SER A 61 23.48 -32.20 5.57
N LEU A 62 22.19 -32.42 5.29
CA LEU A 62 21.20 -31.35 5.35
C LEU A 62 20.42 -31.33 6.65
N GLN A 63 20.55 -32.33 7.51
CA GLN A 63 19.65 -32.41 8.65
C GLN A 63 20.02 -31.42 9.74
N ALA A 64 19.03 -31.00 10.52
CA ALA A 64 19.25 -29.95 11.50
C ALA A 64 18.17 -29.96 12.56
N GLU A 65 18.47 -29.31 13.68
CA GLU A 65 17.53 -29.19 14.80
C GLU A 65 16.74 -27.89 14.69
N VAL A 66 15.42 -28.02 14.66
CA VAL A 66 14.48 -26.92 14.73
C VAL A 66 13.74 -27.04 16.05
N LEU A 67 13.92 -26.04 16.92
CA LEU A 67 13.29 -26.04 18.24
C LEU A 67 13.65 -27.30 19.00
N GLY A 68 14.90 -27.72 18.84
CA GLY A 68 15.49 -28.83 19.54
C GLY A 68 15.18 -30.19 18.95
N LYS A 69 14.49 -30.24 17.82
CA LYS A 69 14.02 -31.49 17.23
C LYS A 69 14.60 -31.66 15.83
N ARG A 70 15.27 -32.79 15.60
CA ARG A 70 15.93 -33.08 14.34
C ARG A 70 14.93 -33.25 13.22
N GLN A 71 15.27 -32.70 12.05
CA GLN A 71 14.50 -32.96 10.84
C GLN A 71 15.47 -33.05 9.67
N SER A 72 14.95 -33.53 8.55
CA SER A 72 15.83 -33.96 7.47
C SER A 72 16.44 -32.76 6.75
N MET A 73 15.77 -31.61 6.78
CA MET A 73 16.34 -30.36 6.29
C MET A 73 15.60 -29.19 6.94
N PRO A 74 16.20 -28.04 6.98
CA PRO A 74 15.61 -26.88 7.65
C PRO A 74 14.56 -26.12 6.84
N LEU A 75 13.59 -26.85 6.31
CA LEU A 75 12.42 -26.26 5.68
C LEU A 75 11.18 -26.71 6.43
N LEU A 76 10.11 -25.93 6.27
CA LEU A 76 8.79 -26.32 6.69
C LEU A 76 7.82 -25.91 5.61
N ILE A 77 6.74 -26.67 5.47
CA ILE A 77 5.61 -26.16 4.70
C ILE A 77 4.78 -25.33 5.64
N GLY A 78 4.75 -24.01 5.42
CA GLY A 78 4.06 -23.11 6.32
C GLY A 78 2.57 -23.08 6.04
N PRO A 79 1.85 -22.34 6.89
CA PRO A 79 0.40 -22.32 6.83
C PRO A 79 -0.12 -21.43 5.72
N THR A 80 -1.05 -21.98 4.94
CA THR A 80 -1.76 -21.22 3.91
C THR A 80 -3.22 -21.63 3.94
N GLY A 81 -4.17 -20.66 3.87
CA GLY A 81 -5.56 -21.02 3.81
C GLY A 81 -6.05 -21.37 2.41
N LEU A 82 -7.17 -22.11 2.37
CA LEU A 82 -7.92 -22.44 1.13
C LEU A 82 -7.13 -23.32 0.17
N ASN A 83 -6.24 -24.17 0.68
CA ASN A 83 -5.54 -25.10 -0.21
C ASN A 83 -6.48 -26.03 -0.93
N GLY A 84 -7.69 -26.22 -0.43
CA GLY A 84 -8.64 -27.05 -1.12
C GLY A 84 -9.16 -26.43 -2.39
N ALA A 85 -8.95 -25.13 -2.57
CA ALA A 85 -9.23 -24.52 -3.87
C ALA A 85 -8.21 -24.93 -4.93
N LEU A 86 -7.05 -25.42 -4.51
CA LEU A 86 -5.96 -25.72 -5.45
C LEU A 86 -5.99 -27.17 -5.88
N TRP A 87 -6.36 -28.06 -4.96
CA TRP A 87 -6.32 -29.47 -5.26
C TRP A 87 -7.15 -30.22 -4.23
N PRO A 88 -7.87 -31.26 -4.63
CA PRO A 88 -8.71 -32.01 -3.67
C PRO A 88 -7.88 -32.52 -2.49
N LYS A 89 -8.45 -32.38 -1.29
CA LYS A 89 -7.78 -32.67 -0.04
C LYS A 89 -6.37 -32.05 0.03
N GLY A 90 -6.26 -30.80 -0.44
CA GLY A 90 -4.95 -30.16 -0.56
C GLY A 90 -4.18 -30.08 0.74
N ASP A 91 -4.87 -29.84 1.86
CA ASP A 91 -4.16 -29.80 3.13
C ASP A 91 -3.46 -31.15 3.40
N LEU A 92 -4.15 -32.26 3.11
CA LEU A 92 -3.56 -33.55 3.47
C LEU A 92 -2.41 -33.88 2.51
N ALA A 93 -2.59 -33.58 1.22
CA ALA A 93 -1.49 -33.72 0.27
C ALA A 93 -0.25 -33.02 0.78
N LEU A 94 -0.36 -31.74 1.12
CA LEU A 94 0.82 -31.04 1.61
C LEU A 94 1.36 -31.72 2.85
N ALA A 95 0.47 -32.15 3.72
CA ALA A 95 0.91 -32.74 4.97
C ALA A 95 1.59 -34.09 4.73
N ARG A 96 1.08 -34.89 3.78
CA ARG A 96 1.68 -36.20 3.57
C ARG A 96 3.07 -36.06 2.93
N ALA A 97 3.23 -35.10 2.01
CA ALA A 97 4.51 -34.84 1.36
C ALA A 97 5.54 -34.31 2.35
N ALA A 98 5.15 -33.34 3.18
CA ALA A 98 6.07 -32.89 4.22
C ALA A 98 6.59 -34.06 5.04
N THR A 99 5.71 -35.01 5.41
CA THR A 99 6.16 -36.07 6.31
C THR A 99 7.07 -37.04 5.58
N LYS A 100 6.76 -37.36 4.32
CA LYS A 100 7.69 -38.18 3.53
C LYS A 100 9.07 -37.52 3.45
N ALA A 101 9.11 -36.20 3.29
CA ALA A 101 10.35 -35.47 3.19
C ALA A 101 11.00 -35.22 4.53
N GLY A 102 10.33 -35.60 5.62
CA GLY A 102 10.90 -35.44 6.94
C GLY A 102 10.84 -34.04 7.52
N ILE A 103 9.81 -33.27 7.19
CA ILE A 103 9.74 -31.89 7.69
C ILE A 103 8.34 -31.57 8.21
N PRO A 104 8.21 -30.63 9.16
CA PRO A 104 6.87 -30.29 9.66
C PRO A 104 5.96 -29.66 8.62
N PHE A 105 4.68 -29.73 8.95
CA PHE A 105 3.65 -29.09 8.17
C PHE A 105 2.81 -28.27 9.12
N VAL A 106 2.48 -27.04 8.73
CA VAL A 106 1.72 -26.14 9.59
C VAL A 106 0.32 -26.02 9.02
N LEU A 107 -0.68 -26.42 9.79
CA LEU A 107 -2.08 -26.29 9.35
C LEU A 107 -2.62 -24.88 9.64
N SER A 108 -3.32 -24.32 8.66
CA SER A 108 -3.88 -23.00 8.82
C SER A 108 -5.23 -23.02 9.56
N THR A 109 -5.45 -22.01 10.43
CA THR A 109 -6.78 -21.77 10.97
C THR A 109 -7.84 -21.85 9.87
N ALA A 110 -7.50 -21.37 8.67
CA ALA A 110 -8.40 -21.24 7.53
C ALA A 110 -8.34 -22.43 6.58
N SER A 111 -8.09 -23.63 7.10
CA SER A 111 -7.89 -24.80 6.27
C SER A 111 -9.22 -25.37 5.81
N ASN A 112 -9.13 -26.20 4.76
CA ASN A 112 -10.30 -26.89 4.21
C ASN A 112 -10.47 -28.26 4.79
N MET A 113 -9.68 -28.60 5.79
CA MET A 113 -9.74 -29.86 6.49
C MET A 113 -9.44 -29.54 7.94
N SER A 114 -10.15 -30.19 8.85
CA SER A 114 -10.17 -29.72 10.21
C SER A 114 -8.93 -30.16 10.95
N ILE A 115 -8.70 -29.49 12.08
CA ILE A 115 -7.61 -29.86 12.99
C ILE A 115 -7.61 -31.36 13.21
N GLU A 116 -8.77 -31.90 13.60
CA GLU A 116 -8.85 -33.30 14.03
C GLU A 116 -8.73 -34.26 12.85
N ASP A 117 -9.42 -33.96 11.76
CA ASP A 117 -9.38 -34.83 10.59
C ASP A 117 -7.98 -34.94 10.01
N LEU A 118 -7.17 -33.88 10.07
CA LEU A 118 -5.82 -34.00 9.56
C LEU A 118 -4.98 -34.87 10.46
N ALA A 119 -5.11 -34.70 11.78
CA ALA A 119 -4.36 -35.55 12.70
C ALA A 119 -4.78 -37.02 12.60
N ARG A 120 -6.03 -37.30 12.23
CA ARG A 120 -6.45 -38.69 12.06
C ARG A 120 -5.91 -39.29 10.78
N GLN A 121 -5.42 -38.47 9.85
CA GLN A 121 -5.02 -38.94 8.52
C GLN A 121 -3.54 -38.74 8.22
N CYS A 122 -2.76 -38.17 9.14
CA CYS A 122 -1.35 -37.96 8.90
C CYS A 122 -0.60 -38.00 10.22
N ASP A 123 0.55 -38.67 10.24
CA ASP A 123 1.30 -38.86 11.47
C ASP A 123 2.64 -38.11 11.48
N GLY A 124 2.79 -37.09 10.63
CA GLY A 124 3.99 -36.30 10.70
C GLY A 124 4.01 -35.36 11.89
N ASP A 125 4.97 -34.47 11.85
CA ASP A 125 5.07 -33.42 12.86
C ASP A 125 4.13 -32.29 12.45
N LEU A 126 2.95 -32.23 13.06
CA LEU A 126 1.94 -31.24 12.71
C LEU A 126 2.01 -30.03 13.63
N TRP A 127 2.01 -28.85 13.01
CA TRP A 127 1.93 -27.57 13.68
C TRP A 127 0.57 -26.93 13.42
N PHE A 128 0.12 -26.10 14.34
CA PHE A 128 -1.14 -25.38 14.13
C PHE A 128 -0.91 -23.88 14.20
N GLN A 129 -1.42 -23.12 13.21
CA GLN A 129 -1.33 -21.68 13.31
C GLN A 129 -2.69 -21.10 13.64
N LEU A 130 -2.69 -20.26 14.65
CA LEU A 130 -3.86 -19.57 15.15
C LEU A 130 -3.77 -18.09 14.76
N TYR A 131 -4.84 -17.56 14.18
CA TYR A 131 -4.91 -16.12 13.95
C TYR A 131 -5.14 -15.35 15.25
N VAL A 132 -4.94 -14.02 15.20
CA VAL A 132 -5.33 -13.15 16.32
C VAL A 132 -6.86 -13.11 16.39
N ILE A 133 -7.45 -13.83 17.35
CA ILE A 133 -8.92 -13.92 17.45
C ILE A 133 -9.35 -13.90 18.91
N HIS A 134 -10.68 -13.81 19.11
CA HIS A 134 -11.25 -13.62 20.43
C HIS A 134 -11.08 -14.87 21.29
N ARG A 135 -10.68 -14.65 22.55
CA ARG A 135 -10.24 -15.72 23.42
C ARG A 135 -11.15 -16.94 23.40
N GLU A 136 -12.45 -16.77 23.30
CA GLU A 136 -13.37 -17.89 23.46
C GLU A 136 -13.11 -19.01 22.44
N ILE A 137 -13.34 -18.73 21.16
CA ILE A 137 -13.19 -19.80 20.17
C ILE A 137 -11.71 -20.10 19.90
N ALA A 138 -10.83 -19.14 20.19
CA ALA A 138 -9.41 -19.42 20.16
C ALA A 138 -9.05 -20.53 21.13
N GLN A 139 -9.53 -20.41 22.37
CA GLN A 139 -9.28 -21.47 23.34
C GLN A 139 -9.84 -22.79 22.86
N GLY A 140 -10.89 -22.77 22.04
CA GLY A 140 -11.43 -24.02 21.53
C GLY A 140 -10.51 -24.71 20.56
N MET A 141 -9.98 -23.96 19.58
CA MET A 141 -9.10 -24.55 18.57
C MET A 141 -7.79 -24.96 19.18
N VAL A 142 -7.23 -24.10 20.04
CA VAL A 142 -5.98 -24.45 20.71
C VAL A 142 -6.14 -25.78 21.42
N LEU A 143 -7.30 -26.00 22.04
CA LEU A 143 -7.46 -27.22 22.80
C LEU A 143 -7.62 -28.44 21.89
N LYS A 144 -8.40 -28.32 20.82
CA LYS A 144 -8.46 -29.42 19.87
C LYS A 144 -7.07 -29.81 19.41
N ALA A 145 -6.20 -28.81 19.19
CA ALA A 145 -4.87 -29.12 18.67
C ALA A 145 -4.01 -29.78 19.73
N LEU A 146 -4.11 -29.31 20.97
CA LEU A 146 -3.32 -29.93 22.05
C LEU A 146 -3.69 -31.39 22.20
N HIS A 147 -4.98 -31.69 22.22
CA HIS A 147 -5.46 -33.04 22.48
C HIS A 147 -5.25 -33.97 21.31
N THR A 148 -5.02 -33.44 20.12
CA THR A 148 -4.79 -34.30 18.96
C THR A 148 -3.32 -34.37 18.58
N GLY A 149 -2.43 -33.91 19.45
CA GLY A 149 -1.03 -34.21 19.28
C GLY A 149 -0.24 -33.24 18.44
N TYR A 150 -0.75 -32.05 18.15
CA TYR A 150 0.05 -31.01 17.50
C TYR A 150 1.20 -30.58 18.43
N THR A 151 2.39 -30.42 17.86
CA THR A 151 3.56 -30.19 18.70
C THR A 151 3.84 -28.70 18.91
N THR A 152 3.44 -27.85 17.99
CA THR A 152 3.85 -26.46 18.00
C THR A 152 2.66 -25.61 17.62
N LEU A 153 2.58 -24.46 18.27
CA LEU A 153 1.52 -23.51 18.00
C LEU A 153 2.19 -22.25 17.48
N VAL A 154 1.73 -21.74 16.34
CA VAL A 154 2.23 -20.46 15.84
C VAL A 154 1.07 -19.47 15.81
N LEU A 155 1.29 -18.31 16.38
CA LEU A 155 0.31 -17.22 16.41
C LEU A 155 0.63 -16.21 15.30
N THR A 156 -0.23 -16.13 14.28
CA THR A 156 -0.05 -15.17 13.20
C THR A 156 -0.65 -13.83 13.61
N THR A 157 0.18 -12.78 13.64
CA THR A 157 -0.17 -11.48 14.21
C THR A 157 -0.35 -10.37 13.19
N ASP A 158 -0.34 -10.66 11.90
CA ASP A 158 -0.33 -9.62 10.88
C ASP A 158 -1.60 -9.61 10.03
N VAL A 159 -2.72 -10.11 10.56
CA VAL A 159 -3.99 -10.03 9.83
C VAL A 159 -5.09 -9.48 10.73
N ALA A 160 -4.73 -8.62 11.67
CA ALA A 160 -5.73 -7.80 12.34
C ALA A 160 -6.80 -7.36 11.34
N VAL A 161 -6.39 -6.60 10.32
CA VAL A 161 -7.27 -6.24 9.22
C VAL A 161 -6.79 -6.93 7.96
N ASN A 162 -7.72 -7.10 7.02
CA ASN A 162 -7.39 -7.75 5.77
C ASN A 162 -6.55 -6.83 4.90
N GLY A 163 -5.56 -7.43 4.24
CA GLY A 163 -4.77 -6.71 3.25
C GLY A 163 -5.57 -6.38 2.02
N TYR A 164 -5.11 -5.36 1.29
CA TYR A 164 -5.87 -4.85 0.16
C TYR A 164 -5.32 -5.47 -1.12
N ARG A 165 -5.90 -6.61 -1.49
CA ARG A 165 -5.43 -7.39 -2.62
C ARG A 165 -6.31 -7.09 -3.83
N GLU A 166 -5.80 -6.25 -4.71
CA GLU A 166 -6.62 -5.72 -5.78
C GLU A 166 -6.87 -6.70 -6.91
N ARG A 167 -6.10 -7.80 -7.01
CA ARG A 167 -6.45 -8.84 -7.98
C ARG A 167 -7.78 -9.46 -7.64
N ASP A 168 -7.98 -9.80 -6.37
CA ASP A 168 -9.25 -10.40 -5.97
C ASP A 168 -10.41 -9.42 -6.16
N LEU A 169 -10.18 -8.12 -5.89
CA LEU A 169 -11.24 -7.13 -6.05
C LEU A 169 -11.64 -6.96 -7.52
N HIS A 170 -10.66 -6.87 -8.41
CA HIS A 170 -10.96 -6.72 -9.83
C HIS A 170 -11.62 -7.96 -10.40
N ASN A 171 -11.25 -9.15 -9.91
CA ASN A 171 -11.86 -10.39 -10.37
C ASN A 171 -13.24 -10.62 -9.76
N ARG A 172 -13.64 -9.83 -8.76
CA ARG A 172 -14.84 -10.12 -7.97
C ARG A 172 -14.73 -11.47 -7.30
N PHE A 173 -13.52 -11.79 -6.85
CA PHE A 173 -13.23 -13.03 -6.16
C PHE A 173 -13.55 -12.83 -4.68
N LYS A 174 -14.78 -13.15 -4.32
CA LYS A 174 -15.29 -12.97 -2.97
C LYS A 174 -16.22 -14.12 -2.61
N ILE A 175 -16.36 -14.33 -1.30
CA ILE A 175 -16.93 -15.60 -0.83
C ILE A 175 -18.38 -15.80 -1.26
N PRO A 176 -19.25 -14.79 -1.28
CA PRO A 176 -20.49 -14.97 -2.06
C PRO A 176 -20.16 -14.82 -3.55
N MET A 177 -19.89 -15.95 -4.21
CA MET A 177 -19.33 -15.92 -5.55
C MET A 177 -20.39 -15.72 -6.62
N SER A 178 -21.32 -16.66 -6.73
CA SER A 178 -22.25 -16.71 -7.84
C SER A 178 -21.56 -16.92 -9.18
N TYR A 179 -22.26 -16.64 -10.27
CA TYR A 179 -21.83 -16.92 -11.62
C TYR A 179 -21.72 -15.62 -12.38
N SER A 180 -21.05 -15.67 -13.53
CA SER A 180 -20.87 -14.48 -14.35
C SER A 180 -20.38 -14.92 -15.70
N ALA A 181 -20.47 -14.02 -16.69
CA ALA A 181 -19.83 -14.29 -17.97
C ALA A 181 -18.38 -14.71 -17.74
N LYS A 182 -17.63 -13.90 -16.97
CA LYS A 182 -16.23 -14.16 -16.76
C LYS A 182 -16.01 -15.43 -15.94
N VAL A 183 -16.82 -15.65 -14.89
CA VAL A 183 -16.62 -16.83 -14.06
C VAL A 183 -16.76 -18.08 -14.90
N VAL A 184 -17.89 -18.20 -15.61
CA VAL A 184 -18.16 -19.40 -16.38
C VAL A 184 -17.08 -19.55 -17.44
N LEU A 185 -16.72 -18.46 -18.11
CA LEU A 185 -15.67 -18.50 -19.10
C LEU A 185 -14.37 -19.00 -18.47
N ASP A 186 -14.01 -18.47 -17.30
CA ASP A 186 -12.81 -18.91 -16.62
C ASP A 186 -12.90 -20.40 -16.29
N GLY A 187 -14.01 -20.84 -15.71
CA GLY A 187 -14.19 -22.26 -15.40
C GLY A 187 -14.16 -23.14 -16.64
N CYS A 188 -14.69 -22.65 -17.76
CA CYS A 188 -14.76 -23.46 -18.97
C CYS A 188 -13.40 -23.58 -19.64
N LEU A 189 -12.56 -22.56 -19.51
CA LEU A 189 -11.20 -22.64 -20.05
C LEU A 189 -10.26 -23.44 -19.17
N HIS A 190 -10.75 -23.95 -18.04
CA HIS A 190 -9.94 -24.74 -17.12
C HIS A 190 -10.74 -25.98 -16.73
N PRO A 191 -11.00 -26.86 -17.71
CA PRO A 191 -11.85 -28.04 -17.47
C PRO A 191 -11.30 -29.03 -16.47
N ARG A 192 -10.00 -29.30 -16.43
CA ARG A 192 -9.52 -30.22 -15.42
C ARG A 192 -9.91 -29.73 -14.04
N TRP A 193 -9.65 -28.44 -13.75
CA TRP A 193 -9.93 -27.89 -12.43
C TRP A 193 -11.43 -27.80 -12.18
N SER A 194 -12.20 -27.38 -13.18
CA SER A 194 -13.63 -27.21 -13.00
C SER A 194 -14.30 -28.55 -12.74
N LEU A 195 -13.87 -29.58 -13.46
CA LEU A 195 -14.37 -30.93 -13.25
C LEU A 195 -14.08 -31.38 -11.82
N ASP A 196 -12.84 -31.24 -11.37
CA ASP A 196 -12.51 -31.52 -9.98
C ASP A 196 -13.46 -30.79 -9.02
N PHE A 197 -13.84 -29.55 -9.37
CA PHE A 197 -14.64 -28.71 -8.47
C PHE A 197 -16.09 -29.15 -8.44
N VAL A 198 -16.64 -29.44 -9.62
CA VAL A 198 -18.00 -29.98 -9.72
C VAL A 198 -18.10 -31.30 -8.97
N ARG A 199 -17.18 -32.23 -9.25
CA ARG A 199 -17.24 -33.54 -8.60
C ARG A 199 -17.18 -33.44 -7.07
N HIS A 200 -16.40 -32.49 -6.53
CA HIS A 200 -16.09 -32.48 -5.10
C HIS A 200 -16.79 -31.38 -4.33
N GLY A 201 -17.29 -30.34 -5.00
CA GLY A 201 -18.06 -29.32 -4.33
C GLY A 201 -17.24 -28.14 -3.82
N MET A 202 -17.96 -27.18 -3.26
CA MET A 202 -17.34 -25.96 -2.74
C MET A 202 -16.54 -26.28 -1.49
N PRO A 203 -15.26 -25.93 -1.42
CA PRO A 203 -14.50 -26.17 -0.18
C PRO A 203 -15.07 -25.35 0.97
N GLN A 204 -14.85 -25.84 2.18
CA GLN A 204 -15.41 -25.27 3.39
C GLN A 204 -14.30 -24.94 4.38
N LEU A 205 -14.55 -23.92 5.19
CA LEU A 205 -13.67 -23.60 6.30
C LEU A 205 -13.91 -24.59 7.43
N ALA A 206 -13.10 -25.63 7.43
CA ALA A 206 -13.41 -26.82 8.20
C ALA A 206 -13.34 -26.59 9.69
N ASN A 207 -12.57 -25.60 10.15
CA ASN A 207 -12.51 -25.35 11.59
C ASN A 207 -13.64 -24.43 12.04
N PHE A 208 -14.56 -24.06 11.14
CA PHE A 208 -15.71 -23.23 11.47
C PHE A 208 -17.01 -23.90 11.06
N VAL A 209 -17.04 -25.17 10.94
CA VAL A 209 -18.22 -25.85 10.44
C VAL A 209 -19.09 -26.24 11.62
N SER A 210 -20.41 -26.13 11.39
CA SER A 210 -21.45 -26.55 12.33
C SER A 210 -22.77 -26.45 11.59
N SER A 211 -23.81 -26.98 12.22
CA SER A 211 -25.15 -26.90 11.65
C SER A 211 -25.57 -25.46 11.32
N GLN A 212 -25.06 -24.47 12.07
CA GLN A 212 -25.46 -23.09 11.87
C GLN A 212 -24.61 -22.35 10.85
N THR A 213 -23.35 -22.73 10.74
CA THR A 213 -22.47 -22.19 9.72
C THR A 213 -22.15 -23.30 8.72
N SER A 214 -23.17 -23.68 7.95
CA SER A 214 -23.12 -24.88 7.15
C SER A 214 -22.77 -24.56 5.70
N SER A 215 -22.64 -23.29 5.36
CA SER A 215 -22.19 -22.86 4.05
C SER A 215 -20.89 -22.08 4.20
N LEU A 216 -20.12 -22.03 3.11
CA LEU A 216 -18.87 -21.29 3.12
C LEU A 216 -19.10 -19.82 3.46
N GLU A 217 -20.18 -19.22 2.93
CA GLU A 217 -20.46 -17.82 3.25
C GLU A 217 -20.59 -17.61 4.76
N MET A 218 -21.36 -18.47 5.44
CA MET A 218 -21.51 -18.35 6.90
C MET A 218 -20.21 -18.60 7.62
N GLN A 219 -19.41 -19.57 7.16
CA GLN A 219 -18.14 -19.85 7.83
C GLN A 219 -17.21 -18.64 7.74
N ALA A 220 -17.10 -18.06 6.55
CA ALA A 220 -16.28 -16.86 6.35
C ALA A 220 -16.84 -15.66 7.11
N ALA A 221 -18.17 -15.49 7.12
CA ALA A 221 -18.76 -14.45 7.96
C ALA A 221 -18.35 -14.62 9.41
N LEU A 222 -18.41 -15.85 9.93
CA LEU A 222 -17.99 -16.08 11.30
C LEU A 222 -16.50 -15.81 11.50
N MET A 223 -15.65 -16.28 10.58
CA MET A 223 -14.20 -16.16 10.78
C MET A 223 -13.75 -14.71 10.82
N SER A 224 -14.31 -13.86 9.96
CA SER A 224 -13.88 -12.46 9.98
C SER A 224 -14.44 -11.72 11.18
N ARG A 225 -15.62 -12.11 11.66
CA ARG A 225 -16.12 -11.51 12.88
C ARG A 225 -15.29 -11.91 14.08
N GLN A 226 -14.50 -12.98 13.97
CA GLN A 226 -13.75 -13.49 15.11
C GLN A 226 -12.34 -12.91 15.19
N MET A 227 -11.85 -12.28 14.11
CA MET A 227 -10.55 -11.60 14.11
C MET A 227 -10.55 -10.48 15.14
N ASP A 228 -9.47 -10.41 15.90
CA ASP A 228 -9.38 -9.57 17.09
C ASP A 228 -8.16 -8.66 17.00
N ALA A 229 -8.38 -7.47 16.46
CA ALA A 229 -7.34 -6.46 16.33
C ALA A 229 -6.85 -5.90 17.66
N SER A 230 -7.44 -6.28 18.79
CA SER A 230 -6.94 -5.80 20.08
C SER A 230 -5.87 -6.71 20.67
N PHE A 231 -5.63 -7.87 20.05
CA PHE A 231 -4.65 -8.80 20.60
C PHE A 231 -3.32 -8.12 20.85
N ASN A 232 -2.89 -8.16 22.11
CA ASN A 232 -1.70 -7.44 22.52
C ASN A 232 -0.79 -8.35 23.33
N TRP A 233 0.22 -7.77 23.97
CA TRP A 233 1.15 -8.57 24.74
C TRP A 233 0.48 -9.33 25.86
N GLU A 234 -0.61 -8.77 26.44
CA GLU A 234 -1.35 -9.47 27.48
C GLU A 234 -1.98 -10.73 26.94
N ALA A 235 -2.68 -10.63 25.82
CA ALA A 235 -3.27 -11.82 25.22
C ALA A 235 -2.21 -12.88 24.90
N LEU A 236 -0.99 -12.45 24.56
CA LEU A 236 0.06 -13.42 24.27
C LEU A 236 0.40 -14.24 25.50
N ARG A 237 0.52 -13.59 26.66
CA ARG A 237 0.76 -14.32 27.91
C ARG A 237 -0.37 -15.28 28.20
N TRP A 238 -1.60 -14.82 27.99
CA TRP A 238 -2.75 -15.71 28.15
C TRP A 238 -2.58 -16.97 27.32
N LEU A 239 -2.16 -16.82 26.07
CA LEU A 239 -1.98 -17.95 25.18
C LEU A 239 -0.83 -18.82 25.64
N ARG A 240 0.24 -18.17 26.10
CA ARG A 240 1.42 -18.87 26.61
C ARG A 240 1.04 -19.78 27.77
N ASP A 241 0.11 -19.35 28.63
CA ASP A 241 -0.30 -20.20 29.76
C ASP A 241 -1.24 -21.29 29.30
N LEU A 242 -2.04 -21.02 28.29
CA LEU A 242 -2.94 -22.02 27.79
C LEU A 242 -2.21 -23.12 27.02
N TRP A 243 -1.07 -22.82 26.38
CA TRP A 243 -0.41 -23.81 25.53
C TRP A 243 0.87 -24.29 26.20
N PRO A 244 1.00 -25.59 26.47
CA PRO A 244 2.16 -26.08 27.23
C PRO A 244 3.37 -26.41 26.37
N HIS A 245 3.22 -26.55 25.05
CA HIS A 245 4.34 -26.97 24.20
C HIS A 245 5.03 -25.77 23.54
N LYS A 246 5.67 -25.99 22.37
CA LYS A 246 6.43 -24.92 21.72
C LYS A 246 5.49 -23.87 21.16
N LEU A 247 5.86 -22.60 21.38
CA LEU A 247 5.06 -21.45 20.94
C LEU A 247 5.93 -20.50 20.12
N LEU A 248 5.47 -20.20 18.91
CA LEU A 248 6.11 -19.21 18.04
C LEU A 248 5.16 -18.07 17.64
N VAL A 249 5.72 -16.87 17.46
CA VAL A 249 4.98 -15.70 16.98
C VAL A 249 5.40 -15.41 15.55
N LYS A 250 4.43 -15.38 14.63
CA LYS A 250 4.66 -15.22 13.21
C LYS A 250 4.20 -13.84 12.73
N GLY A 251 4.92 -13.28 11.75
CA GLY A 251 4.56 -12.00 11.21
C GLY A 251 5.34 -10.83 11.76
N LEU A 252 6.42 -11.09 12.50
CA LEU A 252 7.22 -10.00 13.03
C LEU A 252 8.15 -9.44 11.96
N LEU A 253 8.46 -8.14 12.10
CA LEU A 253 9.36 -7.44 11.19
C LEU A 253 10.29 -6.50 11.94
N SER A 254 10.60 -6.81 13.19
CA SER A 254 11.61 -6.08 13.92
C SER A 254 12.24 -6.99 14.97
N ALA A 255 13.52 -6.76 15.21
CA ALA A 255 14.22 -7.42 16.31
C ALA A 255 13.64 -7.05 17.67
N GLU A 256 13.13 -5.82 17.80
CA GLU A 256 12.59 -5.40 19.08
C GLU A 256 11.33 -6.18 19.42
N ASP A 257 10.45 -6.38 18.45
CA ASP A 257 9.27 -7.18 18.69
C ASP A 257 9.63 -8.63 18.90
N ALA A 258 10.65 -9.12 18.19
CA ALA A 258 11.10 -10.49 18.39
C ALA A 258 11.54 -10.67 19.82
N ASP A 259 12.36 -9.73 20.30
CA ASP A 259 12.88 -9.81 21.66
C ASP A 259 11.75 -9.76 22.68
N ARG A 260 10.74 -8.92 22.44
CA ARG A 260 9.59 -8.88 23.34
C ARG A 260 8.82 -10.18 23.31
N CYS A 261 8.65 -10.80 22.12
CA CYS A 261 7.94 -12.06 22.06
C CYS A 261 8.66 -13.12 22.89
N ILE A 262 9.99 -13.14 22.81
CA ILE A 262 10.76 -14.08 23.62
C ILE A 262 10.57 -13.77 25.10
N ALA A 263 10.55 -12.48 25.45
CA ALA A 263 10.38 -12.07 26.84
C ALA A 263 9.05 -12.52 27.41
N GLU A 264 8.01 -12.58 26.59
CA GLU A 264 6.68 -12.97 27.04
C GLU A 264 6.46 -14.47 26.99
N GLY A 265 7.51 -15.24 26.72
CA GLY A 265 7.49 -16.69 26.85
C GLY A 265 7.54 -17.46 25.55
N ALA A 266 7.53 -16.79 24.40
CA ALA A 266 7.57 -17.51 23.13
C ALA A 266 8.87 -18.28 23.01
N ASP A 267 8.80 -19.42 22.31
CA ASP A 267 9.98 -20.25 22.10
C ASP A 267 10.80 -19.84 20.90
N GLY A 268 10.32 -18.88 20.12
CA GLY A 268 10.96 -18.44 18.91
C GLY A 268 9.96 -17.62 18.12
N VAL A 269 10.42 -17.14 16.96
CA VAL A 269 9.62 -16.24 16.16
C VAL A 269 9.73 -16.65 14.69
N ILE A 270 8.78 -16.19 13.90
CA ILE A 270 8.86 -16.29 12.46
C ILE A 270 8.82 -14.88 11.87
N LEU A 271 9.95 -14.43 11.34
CA LEU A 271 9.98 -13.19 10.59
C LEU A 271 9.24 -13.37 9.29
N SER A 272 8.31 -12.45 8.99
CA SER A 272 7.39 -12.64 7.88
C SER A 272 6.68 -11.33 7.56
N ASN A 273 6.39 -11.12 6.27
CA ASN A 273 5.39 -10.15 5.85
C ASN A 273 4.29 -10.82 5.05
N HIS A 274 4.05 -12.10 5.34
CA HIS A 274 2.86 -12.76 4.86
C HIS A 274 2.91 -12.87 3.35
N GLY A 275 4.13 -13.01 2.85
CA GLY A 275 4.38 -13.13 1.42
C GLY A 275 3.94 -11.92 0.62
N GLY A 276 4.14 -10.71 1.14
CA GLY A 276 3.70 -9.51 0.46
C GLY A 276 2.20 -9.33 0.30
N ARG A 277 1.39 -10.04 1.08
CA ARG A 277 -0.05 -10.07 0.87
C ARG A 277 -0.81 -9.10 1.76
N GLN A 278 -0.14 -8.53 2.77
CA GLN A 278 -0.83 -7.71 3.77
C GLN A 278 -0.50 -6.23 3.67
N LEU A 279 0.76 -5.87 3.39
CA LEU A 279 1.21 -4.48 3.41
C LEU A 279 2.25 -4.32 2.32
N ASP A 280 1.87 -3.69 1.21
CA ASP A 280 2.76 -3.66 0.04
C ASP A 280 4.14 -3.10 0.38
N CYS A 281 4.21 -2.08 1.23
CA CYS A 281 5.45 -1.35 1.50
C CYS A 281 6.22 -1.86 2.73
N ALA A 282 5.84 -3.00 3.27
CA ALA A 282 6.60 -3.60 4.37
C ALA A 282 8.01 -4.03 3.92
N ILE A 283 8.98 -3.94 4.84
CA ILE A 283 10.30 -4.51 4.56
C ILE A 283 10.20 -6.00 4.31
N SER A 284 11.19 -6.54 3.59
CA SER A 284 11.39 -7.97 3.62
C SER A 284 11.92 -8.33 5.00
N PRO A 285 11.55 -9.50 5.53
CA PRO A 285 12.15 -9.96 6.79
C PRO A 285 13.64 -10.26 6.72
N MET A 286 14.22 -10.41 5.51
CA MET A 286 15.67 -10.57 5.39
C MET A 286 16.41 -9.34 5.89
N GLU A 287 15.77 -8.18 5.87
CA GLU A 287 16.43 -6.94 6.30
C GLU A 287 16.61 -6.88 7.82
N VAL A 288 15.92 -7.72 8.59
CA VAL A 288 16.04 -7.63 10.03
C VAL A 288 16.36 -9.03 10.59
N LEU A 289 16.83 -9.92 9.73
CA LEU A 289 17.13 -11.28 10.13
C LEU A 289 18.38 -11.36 10.99
N ALA A 290 19.50 -10.90 10.48
CA ALA A 290 20.72 -10.96 11.28
C ALA A 290 20.54 -10.21 12.58
N GLN A 291 19.86 -9.08 12.54
CA GLN A 291 19.66 -8.32 13.78
C GLN A 291 18.78 -9.09 14.77
N SER A 292 17.71 -9.74 14.30
CA SER A 292 16.86 -10.48 15.24
C SER A 292 17.58 -11.66 15.84
N VAL A 293 18.40 -12.34 15.04
CA VAL A 293 19.20 -13.47 15.53
C VAL A 293 20.15 -13.01 16.64
N ALA A 294 20.85 -11.91 16.42
CA ALA A 294 21.78 -11.42 17.43
C ALA A 294 21.03 -10.94 18.68
N LYS A 295 19.85 -10.33 18.50
CA LYS A 295 19.18 -9.73 19.65
C LYS A 295 18.51 -10.78 20.53
N THR A 296 17.93 -11.84 19.96
CA THR A 296 17.17 -12.77 20.80
C THR A 296 18.00 -13.96 21.30
N GLY A 297 18.89 -14.51 20.46
CA GLY A 297 19.58 -15.74 20.79
C GLY A 297 18.69 -16.96 20.88
N LYS A 298 17.45 -16.86 20.37
CA LYS A 298 16.49 -17.94 20.35
C LYS A 298 16.12 -18.26 18.90
N PRO A 299 15.44 -19.37 18.62
CA PRO A 299 15.13 -19.71 17.23
C PRO A 299 14.42 -18.58 16.47
N VAL A 300 15.06 -18.11 15.40
CA VAL A 300 14.45 -17.18 14.46
C VAL A 300 14.25 -17.91 13.14
N LEU A 301 12.99 -18.16 12.79
CA LEU A 301 12.60 -18.71 11.51
C LEU A 301 12.13 -17.55 10.65
N ILE A 302 11.92 -17.84 9.35
CA ILE A 302 11.64 -16.80 8.37
C ILE A 302 10.87 -17.40 7.20
N ASP A 303 10.06 -16.58 6.55
CA ASP A 303 9.44 -16.90 5.26
C ASP A 303 9.34 -15.60 4.46
N SER A 304 8.70 -15.65 3.28
CA SER A 304 8.42 -14.52 2.40
C SER A 304 9.46 -14.31 1.32
N GLY A 305 9.18 -14.82 0.11
CA GLY A 305 10.06 -14.67 -1.03
C GLY A 305 10.89 -15.88 -1.44
N PHE A 306 10.84 -17.02 -0.74
CA PHE A 306 11.83 -18.07 -1.01
C PHE A 306 11.39 -18.93 -2.19
N ARG A 307 12.25 -19.02 -3.22
CA ARG A 307 11.97 -19.80 -4.43
C ARG A 307 13.15 -20.67 -4.87
N ARG A 308 14.38 -20.32 -4.50
CA ARG A 308 15.58 -21.02 -4.93
C ARG A 308 16.28 -21.53 -3.69
N GLY A 309 17.00 -22.66 -3.84
CA GLY A 309 17.84 -23.12 -2.77
C GLY A 309 18.84 -22.09 -2.32
N SER A 310 19.35 -21.28 -3.26
CA SER A 310 20.27 -20.22 -2.87
C SER A 310 19.62 -19.21 -1.93
N ASP A 311 18.32 -18.90 -2.13
CA ASP A 311 17.63 -18.00 -1.20
C ASP A 311 17.66 -18.59 0.20
N ILE A 312 17.32 -19.88 0.31
CA ILE A 312 17.25 -20.54 1.60
C ILE A 312 18.61 -20.53 2.29
N VAL A 313 19.68 -20.89 1.54
CA VAL A 313 21.02 -20.96 2.12
C VAL A 313 21.46 -19.59 2.64
N LYS A 314 21.09 -18.51 1.93
CA LYS A 314 21.48 -17.18 2.38
C LYS A 314 20.82 -16.84 3.73
N ALA A 315 19.53 -17.15 3.88
CA ALA A 315 18.90 -16.96 5.20
C ALA A 315 19.57 -17.83 6.27
N LEU A 316 19.91 -19.08 5.95
CA LEU A 316 20.53 -19.90 7.00
C LEU A 316 21.92 -19.37 7.38
N ALA A 317 22.69 -18.87 6.43
CA ALA A 317 24.00 -18.35 6.81
C ALA A 317 23.89 -17.09 7.66
N LEU A 318 22.80 -16.32 7.55
CA LEU A 318 22.62 -15.16 8.41
C LEU A 318 22.02 -15.49 9.78
N GLY A 319 21.63 -16.74 10.02
CA GLY A 319 21.33 -17.16 11.38
C GLY A 319 19.99 -17.82 11.57
N ALA A 320 19.16 -17.82 10.54
CA ALA A 320 17.84 -18.38 10.63
C ALA A 320 17.90 -19.86 10.95
N GLU A 321 16.97 -20.31 11.80
CA GLU A 321 16.89 -21.72 12.14
C GLU A 321 16.26 -22.53 11.01
N ALA A 322 15.33 -21.96 10.27
CA ALA A 322 14.66 -22.71 9.21
C ALA A 322 13.83 -21.73 8.39
N VAL A 323 13.38 -22.22 7.24
CA VAL A 323 12.63 -21.42 6.28
C VAL A 323 11.30 -22.11 6.04
N LEU A 324 10.22 -21.33 6.10
CA LEU A 324 8.91 -21.85 5.75
C LEU A 324 8.60 -21.50 4.29
N LEU A 325 7.97 -22.44 3.60
CA LEU A 325 7.56 -22.26 2.23
C LEU A 325 6.07 -21.98 2.16
N GLY A 326 5.71 -20.97 1.38
CA GLY A 326 4.34 -20.76 1.06
C GLY A 326 4.06 -21.15 -0.36
N ARG A 327 4.19 -20.19 -1.27
CA ARG A 327 3.78 -20.45 -2.67
C ARG A 327 4.59 -21.57 -3.31
N ALA A 328 5.88 -21.69 -2.98
CA ALA A 328 6.73 -22.65 -3.70
C ALA A 328 6.09 -24.04 -3.70
N THR A 329 5.76 -24.57 -2.52
CA THR A 329 5.08 -25.86 -2.49
C THR A 329 3.61 -25.78 -2.89
N LEU A 330 2.95 -24.60 -2.84
CA LEU A 330 1.61 -24.50 -3.39
C LEU A 330 1.60 -24.64 -4.91
N TYR A 331 2.66 -24.21 -5.60
CA TYR A 331 2.73 -24.46 -7.03
C TYR A 331 2.72 -25.95 -7.34
N GLY A 332 3.53 -26.73 -6.61
CA GLY A 332 3.52 -28.17 -6.81
C GLY A 332 2.15 -28.77 -6.54
N LEU A 333 1.50 -28.31 -5.46
CA LEU A 333 0.16 -28.80 -5.11
C LEU A 333 -0.83 -28.56 -6.23
N ALA A 334 -0.91 -27.33 -6.73
CA ALA A 334 -1.92 -26.97 -7.71
C ALA A 334 -1.61 -27.51 -9.11
N ALA A 335 -0.35 -27.85 -9.38
CA ALA A 335 0.00 -28.45 -10.66
C ALA A 335 -0.30 -29.94 -10.68
N ARG A 336 0.09 -30.63 -9.60
CA ARG A 336 0.09 -32.10 -9.65
C ARG A 336 -0.20 -32.74 -8.30
N GLY A 337 -0.81 -32.01 -7.35
CA GLY A 337 -1.26 -32.61 -6.10
C GLY A 337 -0.10 -33.02 -5.20
N GLU A 338 -0.35 -34.04 -4.39
CA GLU A 338 0.68 -34.53 -3.47
C GLU A 338 1.97 -34.95 -4.20
N THR A 339 1.88 -35.48 -5.42
CA THR A 339 3.10 -35.79 -6.18
C THR A 339 3.84 -34.54 -6.59
N GLY A 340 3.10 -33.51 -7.01
CA GLY A 340 3.73 -32.23 -7.30
C GLY A 340 4.46 -31.67 -6.09
N VAL A 341 3.85 -31.78 -4.91
CA VAL A 341 4.49 -31.28 -3.70
C VAL A 341 5.75 -32.06 -3.40
N ASP A 342 5.66 -33.39 -3.52
CA ASP A 342 6.83 -34.24 -3.33
C ASP A 342 7.96 -33.78 -4.22
N GLU A 343 7.62 -33.54 -5.50
CA GLU A 343 8.64 -33.23 -6.48
C GLU A 343 9.32 -31.91 -6.15
N VAL A 344 8.54 -30.90 -5.74
CA VAL A 344 9.13 -29.60 -5.41
C VAL A 344 10.08 -29.76 -4.23
N LEU A 345 9.68 -30.49 -3.21
CA LEU A 345 10.58 -30.71 -2.10
C LEU A 345 11.81 -31.51 -2.53
N THR A 346 11.65 -32.41 -3.50
CA THR A 346 12.82 -33.17 -3.96
C THR A 346 13.82 -32.25 -4.67
N LEU A 347 13.32 -31.33 -5.53
CA LEU A 347 14.17 -30.34 -6.19
C LEU A 347 14.85 -29.40 -5.18
N LEU A 348 14.09 -28.90 -4.21
CA LEU A 348 14.66 -27.96 -3.23
C LEU A 348 15.69 -28.63 -2.34
N LYS A 349 15.50 -29.90 -1.99
CA LYS A 349 16.53 -30.57 -1.20
C LYS A 349 17.79 -30.74 -2.04
N ALA A 350 17.64 -31.20 -3.29
CA ALA A 350 18.83 -31.35 -4.14
C ALA A 350 19.52 -30.01 -4.34
N ASP A 351 18.72 -28.95 -4.57
CA ASP A 351 19.22 -27.61 -4.83
C ASP A 351 20.00 -27.07 -3.63
N ILE A 352 19.44 -27.20 -2.43
CA ILE A 352 20.18 -26.83 -1.22
C ILE A 352 21.48 -27.62 -1.13
N ASP A 353 21.42 -28.93 -1.43
CA ASP A 353 22.59 -29.80 -1.27
C ASP A 353 23.68 -29.41 -2.26
N ARG A 354 23.30 -29.20 -3.51
CA ARG A 354 24.24 -28.71 -4.53
C ARG A 354 24.84 -27.36 -4.13
N THR A 355 24.03 -26.46 -3.58
CA THR A 355 24.54 -25.15 -3.19
C THR A 355 25.60 -25.28 -2.12
N LEU A 356 25.38 -26.17 -1.15
CA LEU A 356 26.38 -26.42 -0.10
C LEU A 356 27.68 -26.95 -0.70
N ALA A 357 27.56 -27.91 -1.64
CA ALA A 357 28.73 -28.39 -2.35
C ALA A 357 29.50 -27.24 -2.97
N GLN A 358 28.80 -26.39 -3.75
CA GLN A 358 29.48 -25.34 -4.49
C GLN A 358 30.11 -24.28 -3.59
N ILE A 359 29.56 -24.03 -2.41
CA ILE A 359 30.16 -22.98 -1.56
C ILE A 359 31.16 -23.57 -0.58
N GLY A 360 31.38 -24.88 -0.58
CA GLY A 360 32.38 -25.51 0.27
C GLY A 360 31.96 -25.61 1.71
N CYS A 361 30.68 -25.80 1.98
CA CYS A 361 30.20 -25.96 3.35
C CYS A 361 29.43 -27.29 3.43
N PRO A 362 30.06 -28.36 3.89
CA PRO A 362 29.43 -29.68 3.77
C PRO A 362 28.29 -29.95 4.76
N ASP A 363 28.36 -29.37 5.95
CA ASP A 363 27.33 -29.54 6.97
C ASP A 363 26.53 -28.25 7.15
N ILE A 364 25.23 -28.33 6.88
CA ILE A 364 24.40 -27.13 6.85
C ILE A 364 24.45 -26.37 8.17
N THR A 365 24.76 -27.04 9.28
CA THR A 365 24.78 -26.34 10.56
C THR A 365 26.01 -25.45 10.73
N SER A 366 27.01 -25.54 9.87
CA SER A 366 28.18 -24.67 9.99
C SER A 366 28.12 -23.45 9.09
N LEU A 367 26.97 -23.22 8.44
CA LEU A 367 26.81 -22.02 7.63
C LEU A 367 26.98 -20.76 8.48
N SER A 368 27.48 -19.71 7.85
CA SER A 368 27.74 -18.48 8.56
C SER A 368 27.85 -17.35 7.54
N PRO A 369 27.81 -16.09 7.99
CA PRO A 369 27.97 -14.97 7.04
C PRO A 369 29.32 -14.96 6.35
N ASP A 370 30.27 -15.75 6.85
CA ASP A 370 31.61 -15.84 6.29
C ASP A 370 31.57 -16.31 4.84
N TYR A 371 30.49 -16.98 4.46
CA TYR A 371 30.28 -17.45 3.10
C TYR A 371 29.60 -16.41 2.23
N LEU A 372 29.34 -15.22 2.77
CA LEU A 372 28.56 -14.21 2.09
C LEU A 372 29.38 -12.95 1.85
N GLN A 373 29.05 -12.29 0.76
CA GLN A 373 29.50 -10.94 0.47
C GLN A 373 28.28 -10.03 0.41
N ASN A 374 28.34 -8.89 1.14
CA ASN A 374 27.18 -8.02 1.39
C ASN A 374 26.74 -7.20 0.18
N GLU A 375 27.60 -6.87 -0.74
CA GLU A 375 27.20 -6.00 -1.84
C GLU A 375 26.61 -4.62 -1.40
N GLN B 3 -19.20 -0.05 -10.12
CA GLN B 3 -18.03 0.55 -9.48
C GLN B 3 -16.88 -0.46 -9.33
N ASN B 4 -16.18 -0.73 -10.43
CA ASN B 4 -14.94 -1.53 -10.37
C ASN B 4 -13.73 -0.63 -10.17
N LEU B 5 -13.79 0.15 -9.09
CA LEU B 5 -12.82 1.20 -8.80
C LEU B 5 -12.31 1.01 -7.38
N PHE B 6 -11.04 0.68 -7.23
CA PHE B 6 -10.53 0.35 -5.90
C PHE B 6 -9.35 1.21 -5.49
N ASN B 7 -8.87 2.07 -6.39
CA ASN B 7 -7.79 2.98 -6.03
C ASN B 7 -7.82 4.20 -6.94
N VAL B 8 -6.91 5.13 -6.65
CA VAL B 8 -6.81 6.36 -7.41
C VAL B 8 -6.52 6.09 -8.87
N GLU B 9 -5.65 5.12 -9.15
CA GLU B 9 -5.26 4.81 -10.52
C GLU B 9 -6.42 4.34 -11.37
N ASP B 10 -7.41 3.63 -10.79
CA ASP B 10 -8.61 3.25 -11.54
C ASP B 10 -9.38 4.49 -11.99
N TYR B 11 -9.33 5.56 -11.20
CA TYR B 11 -9.97 6.82 -11.59
C TYR B 11 -9.17 7.55 -12.66
N ARG B 12 -7.84 7.53 -12.56
CA ARG B 12 -7.05 8.09 -13.64
C ARG B 12 -7.43 7.44 -14.95
N LYS B 13 -7.50 6.12 -14.95
CA LYS B 13 -7.83 5.42 -16.19
C LYS B 13 -9.20 5.90 -16.69
N LEU B 14 -10.14 6.08 -15.78
CA LEU B 14 -11.47 6.51 -16.18
C LEU B 14 -11.48 7.95 -16.73
N ARG B 15 -10.75 8.85 -16.07
CA ARG B 15 -10.57 10.19 -16.63
C ARG B 15 -10.09 10.19 -18.06
N GLN B 16 -9.09 9.32 -18.37
CA GLN B 16 -8.46 9.40 -19.68
C GLN B 16 -9.42 9.01 -20.79
N LYS B 17 -10.44 8.21 -20.45
CA LYS B 17 -11.44 7.81 -21.44
C LYS B 17 -12.50 8.90 -21.63
N ARG B 18 -12.86 9.61 -20.56
CA ARG B 18 -13.92 10.58 -20.71
C ARG B 18 -13.38 11.89 -21.29
N LEU B 19 -12.20 12.36 -20.83
CA LEU B 19 -11.58 13.62 -21.24
C LEU B 19 -10.96 13.52 -22.62
N PRO B 20 -11.08 14.56 -23.45
CA PRO B 20 -10.31 14.60 -24.68
C PRO B 20 -8.82 14.67 -24.40
N LYS B 21 -8.04 14.09 -25.32
CA LYS B 21 -6.62 13.94 -25.08
C LYS B 21 -5.98 15.25 -24.64
N MET B 22 -6.43 16.34 -25.24
CA MET B 22 -5.87 17.64 -24.99
C MET B 22 -6.08 18.10 -23.55
N VAL B 23 -7.29 17.84 -23.00
CA VAL B 23 -7.56 18.25 -21.62
C VAL B 23 -6.86 17.30 -20.66
N TYR B 24 -6.87 16.00 -20.97
CA TYR B 24 -6.13 15.06 -20.14
C TYR B 24 -4.65 15.39 -20.08
N ASP B 25 -4.08 15.81 -21.20
CA ASP B 25 -2.68 16.20 -21.21
C ASP B 25 -2.43 17.45 -20.38
N TYR B 26 -3.37 18.40 -20.32
CA TYR B 26 -3.21 19.53 -19.42
C TYR B 26 -3.22 19.08 -17.98
N LEU B 27 -4.08 18.12 -17.65
CA LEU B 27 -4.15 17.65 -16.27
C LEU B 27 -2.93 16.83 -15.92
N GLU B 28 -2.57 15.89 -16.78
CA GLU B 28 -1.56 14.90 -16.43
C GLU B 28 -0.15 15.39 -16.65
N GLY B 29 0.08 16.27 -17.64
CA GLY B 29 1.43 16.56 -18.09
C GLY B 29 2.26 17.23 -17.02
N GLY B 30 3.58 17.20 -17.21
CA GLY B 30 4.46 17.99 -16.37
C GLY B 30 5.40 18.81 -17.23
N ALA B 31 6.43 19.36 -16.61
CA ALA B 31 7.35 20.23 -17.32
C ALA B 31 8.40 19.38 -18.05
N GLU B 32 8.70 19.77 -19.30
CA GLU B 32 9.79 19.22 -20.09
C GLU B 32 9.80 17.69 -20.19
N ASP B 33 10.83 17.02 -19.67
CA ASP B 33 10.94 15.59 -19.91
C ASP B 33 10.09 14.78 -18.95
N GLU B 34 9.48 15.46 -17.97
CA GLU B 34 8.66 14.78 -16.98
C GLU B 34 9.48 13.77 -16.16
N TYR B 35 10.80 14.00 -16.04
CA TYR B 35 11.53 13.31 -14.98
C TYR B 35 10.99 13.68 -13.60
N GLY B 36 10.41 14.88 -13.46
CA GLY B 36 9.99 15.35 -12.14
C GLY B 36 8.77 14.63 -11.59
N VAL B 37 7.69 14.54 -12.38
CA VAL B 37 6.53 13.79 -11.90
C VAL B 37 6.94 12.36 -11.57
N LYS B 38 7.81 11.77 -12.38
CA LYS B 38 8.25 10.39 -12.11
C LYS B 38 9.01 10.34 -10.79
N HIS B 39 9.93 11.26 -10.58
CA HIS B 39 10.64 11.35 -9.32
C HIS B 39 9.66 11.58 -8.14
N ASN B 40 8.59 12.34 -8.36
CA ASN B 40 7.65 12.58 -7.28
C ASN B 40 7.01 11.28 -6.79
N ARG B 41 6.75 10.36 -7.73
CA ARG B 41 6.27 9.05 -7.33
C ARG B 41 7.39 8.17 -6.77
N ASP B 42 8.52 8.10 -7.47
CA ASP B 42 9.56 7.14 -7.09
C ASP B 42 10.14 7.41 -5.71
N VAL B 43 10.20 8.67 -5.29
CA VAL B 43 10.84 8.99 -4.03
C VAL B 43 10.17 8.25 -2.88
N PHE B 44 8.88 7.90 -3.02
CA PHE B 44 8.20 7.22 -1.92
C PHE B 44 8.75 5.82 -1.72
N GLN B 45 9.45 5.27 -2.71
CA GLN B 45 10.03 3.94 -2.53
C GLN B 45 11.30 4.00 -1.71
N GLN B 46 11.72 5.17 -1.29
CA GLN B 46 12.90 5.29 -0.45
C GLN B 46 12.63 4.93 1.01
N TRP B 47 11.37 4.66 1.40
CA TRP B 47 11.03 4.27 2.77
C TRP B 47 10.18 3.01 2.70
N ARG B 48 10.42 2.10 3.63
CA ARG B 48 9.49 1.01 3.84
C ARG B 48 9.07 1.00 5.30
N PHE B 49 8.10 0.17 5.62
CA PHE B 49 7.43 0.14 6.92
C PHE B 49 8.01 -0.93 7.81
N LYS B 50 8.25 -0.59 9.08
CA LYS B 50 8.56 -1.57 10.14
C LYS B 50 7.37 -1.63 11.11
N PRO B 51 6.42 -2.53 10.90
CA PRO B 51 5.25 -2.59 11.78
C PRO B 51 5.60 -2.98 13.21
N LYS B 52 4.81 -2.44 14.14
CA LYS B 52 4.80 -2.85 15.53
C LYS B 52 3.64 -3.82 15.73
N ARG B 53 3.96 -5.01 16.20
CA ARG B 53 2.97 -6.07 16.33
C ARG B 53 2.42 -6.10 17.73
N LEU B 54 1.30 -6.81 17.88
CA LEU B 54 0.69 -7.02 19.19
C LEU B 54 0.38 -5.69 19.86
N VAL B 55 0.07 -4.70 19.04
CA VAL B 55 -0.46 -3.42 19.49
C VAL B 55 -1.96 -3.44 19.22
N ASP B 56 -2.73 -3.01 20.19
CA ASP B 56 -4.18 -2.94 20.06
C ASP B 56 -4.55 -1.82 19.08
N VAL B 57 -5.08 -2.21 17.92
CA VAL B 57 -5.51 -1.28 16.87
C VAL B 57 -6.98 -1.52 16.58
N SER B 58 -7.72 -1.95 17.59
CA SER B 58 -9.15 -2.21 17.39
C SER B 58 -9.94 -0.92 17.24
N ARG B 59 -9.48 0.19 17.84
CA ARG B 59 -10.15 1.49 17.76
C ARG B 59 -9.17 2.45 17.10
N ARG B 60 -9.37 2.78 15.83
CA ARG B 60 -8.45 3.69 15.16
C ARG B 60 -9.08 5.07 14.98
N SER B 61 -8.24 6.10 15.06
CA SER B 61 -8.64 7.48 14.81
C SER B 61 -7.75 8.12 13.77
N LEU B 62 -8.37 8.72 12.76
CA LEU B 62 -7.69 9.49 11.72
C LEU B 62 -7.71 11.00 11.93
N GLN B 63 -8.50 11.50 12.87
CA GLN B 63 -8.69 12.94 12.96
C GLN B 63 -7.47 13.61 13.57
N ALA B 64 -7.27 14.88 13.22
CA ALA B 64 -6.05 15.55 13.63
C ALA B 64 -6.23 17.06 13.53
N GLU B 65 -5.32 17.77 14.17
CA GLU B 65 -5.32 19.23 14.15
C GLU B 65 -4.42 19.74 13.03
N VAL B 66 -4.99 20.57 12.16
CA VAL B 66 -4.26 21.31 11.14
C VAL B 66 -4.38 22.80 11.47
N LEU B 67 -3.24 23.43 11.79
CA LEU B 67 -3.22 24.84 12.18
C LEU B 67 -4.15 25.10 13.35
N GLY B 68 -4.19 24.14 14.28
CA GLY B 68 -4.93 24.22 15.52
C GLY B 68 -6.40 23.89 15.42
N LYS B 69 -6.87 23.44 14.27
CA LYS B 69 -8.28 23.16 14.04
C LYS B 69 -8.44 21.70 13.63
N ARG B 70 -9.30 20.98 14.35
CA ARG B 70 -9.53 19.57 14.15
C ARG B 70 -10.23 19.31 12.82
N GLN B 71 -9.76 18.28 12.09
CA GLN B 71 -10.45 17.79 10.90
C GLN B 71 -10.41 16.27 10.94
N SER B 72 -11.19 15.66 10.06
CA SER B 72 -11.49 14.24 10.20
C SER B 72 -10.33 13.37 9.71
N MET B 73 -9.47 13.89 8.85
CA MET B 73 -8.21 13.23 8.48
C MET B 73 -7.28 14.29 7.91
N PRO B 74 -5.97 14.09 7.99
CA PRO B 74 -5.02 15.15 7.57
C PRO B 74 -4.79 15.17 6.07
N LEU B 75 -5.87 15.28 5.32
CA LEU B 75 -5.82 15.59 3.92
C LEU B 75 -6.54 16.91 3.68
N LEU B 76 -6.22 17.51 2.56
CA LEU B 76 -6.93 18.65 2.02
C LEU B 76 -7.04 18.47 0.52
N ILE B 77 -8.10 18.99 -0.07
CA ILE B 77 -8.14 19.16 -1.52
C ILE B 77 -7.46 20.49 -1.79
N GLY B 78 -6.28 20.42 -2.46
CA GLY B 78 -5.49 21.60 -2.71
C GLY B 78 -5.95 22.34 -3.94
N PRO B 79 -5.32 23.50 -4.17
CA PRO B 79 -5.75 24.42 -5.23
C PRO B 79 -5.31 23.98 -6.60
N THR B 80 -6.27 23.95 -7.51
CA THR B 80 -6.02 23.63 -8.92
C THR B 80 -6.93 24.55 -9.71
N GLY B 81 -6.38 25.19 -10.74
CA GLY B 81 -7.14 25.99 -11.65
C GLY B 81 -7.80 25.19 -12.77
N LEU B 82 -8.80 25.82 -13.36
CA LEU B 82 -9.56 25.31 -14.52
C LEU B 82 -10.29 23.98 -14.22
N ASN B 83 -10.68 23.73 -12.97
CA ASN B 83 -11.49 22.53 -12.70
C ASN B 83 -12.79 22.47 -13.50
N GLY B 84 -13.30 23.60 -14.00
CA GLY B 84 -14.49 23.58 -14.82
C GLY B 84 -14.28 23.00 -16.21
N ALA B 85 -13.05 22.86 -16.65
CA ALA B 85 -12.81 22.08 -17.85
C ALA B 85 -13.01 20.58 -17.59
N LEU B 86 -12.97 20.15 -16.33
CA LEU B 86 -12.98 18.72 -16.02
C LEU B 86 -14.38 18.20 -15.81
N TRP B 87 -15.23 19.02 -15.24
CA TRP B 87 -16.59 18.67 -14.88
C TRP B 87 -17.36 19.96 -14.61
N PRO B 88 -18.63 20.06 -15.00
CA PRO B 88 -19.38 21.30 -14.75
C PRO B 88 -19.40 21.66 -13.27
N LYS B 89 -19.18 22.94 -13.00
CA LYS B 89 -19.13 23.45 -11.64
C LYS B 89 -18.22 22.59 -10.78
N GLY B 90 -17.08 22.17 -11.35
CA GLY B 90 -16.15 21.27 -10.67
C GLY B 90 -15.61 21.82 -9.36
N ASP B 91 -15.36 23.12 -9.30
CA ASP B 91 -14.90 23.72 -8.05
C ASP B 91 -15.88 23.42 -6.93
N LEU B 92 -17.19 23.54 -7.21
CA LEU B 92 -18.19 23.28 -6.18
C LEU B 92 -18.29 21.78 -5.89
N ALA B 93 -18.16 20.95 -6.92
CA ALA B 93 -18.09 19.50 -6.67
C ALA B 93 -17.00 19.17 -5.67
N LEU B 94 -15.79 19.64 -5.90
CA LEU B 94 -14.68 19.32 -5.02
C LEU B 94 -14.94 19.81 -3.61
N ALA B 95 -15.46 21.01 -3.50
CA ALA B 95 -15.62 21.63 -2.19
C ALA B 95 -16.67 20.90 -1.38
N ARG B 96 -17.74 20.44 -2.05
CA ARG B 96 -18.79 19.73 -1.34
C ARG B 96 -18.30 18.38 -0.83
N ALA B 97 -17.49 17.68 -1.64
CA ALA B 97 -16.89 16.41 -1.27
C ALA B 97 -15.89 16.58 -0.12
N ALA B 98 -15.01 17.57 -0.22
CA ALA B 98 -14.12 17.89 0.89
C ALA B 98 -14.94 18.09 2.16
N THR B 99 -16.08 18.76 2.02
CA THR B 99 -16.88 19.13 3.20
C THR B 99 -17.58 17.93 3.80
N LYS B 100 -18.22 17.11 2.96
CA LYS B 100 -18.80 15.85 3.45
C LYS B 100 -17.72 14.96 4.09
N ALA B 101 -16.50 14.98 3.55
CA ALA B 101 -15.44 14.15 4.10
C ALA B 101 -14.79 14.77 5.32
N GLY B 102 -15.21 15.98 5.72
CA GLY B 102 -14.65 16.64 6.90
C GLY B 102 -13.28 17.28 6.72
N ILE B 103 -12.94 17.76 5.53
CA ILE B 103 -11.62 18.36 5.31
C ILE B 103 -11.75 19.66 4.52
N PRO B 104 -10.78 20.56 4.65
CA PRO B 104 -10.82 21.83 3.89
C PRO B 104 -10.64 21.63 2.41
N PHE B 105 -11.04 22.68 1.68
CA PHE B 105 -10.85 22.77 0.25
C PHE B 105 -10.19 24.10 -0.06
N VAL B 106 -9.22 24.11 -0.98
CA VAL B 106 -8.48 25.33 -1.33
C VAL B 106 -8.94 25.79 -2.70
N LEU B 107 -9.49 27.01 -2.75
CA LEU B 107 -9.93 27.60 -4.01
C LEU B 107 -8.75 28.28 -4.72
N SER B 108 -8.65 28.07 -6.03
CA SER B 108 -7.57 28.65 -6.83
C SER B 108 -7.91 30.04 -7.32
N THR B 109 -6.90 30.93 -7.34
CA THR B 109 -7.03 32.19 -8.07
C THR B 109 -7.64 31.96 -9.46
N ALA B 110 -7.28 30.84 -10.09
CA ALA B 110 -7.66 30.51 -11.45
C ALA B 110 -8.90 29.64 -11.52
N SER B 111 -9.80 29.76 -10.55
CA SER B 111 -10.97 28.91 -10.48
C SER B 111 -12.03 29.32 -11.49
N ASN B 112 -12.93 28.39 -11.78
CA ASN B 112 -14.05 28.65 -12.68
C ASN B 112 -15.31 29.08 -11.93
N MET B 113 -15.20 29.33 -10.62
CA MET B 113 -16.28 29.78 -9.76
C MET B 113 -15.64 30.71 -8.75
N SER B 114 -16.30 31.82 -8.48
CA SER B 114 -15.60 32.91 -7.83
C SER B 114 -15.51 32.66 -6.33
N ILE B 115 -14.63 33.45 -5.71
CA ILE B 115 -14.47 33.42 -4.26
C ILE B 115 -15.84 33.47 -3.59
N GLU B 116 -16.66 34.45 -4.01
CA GLU B 116 -17.93 34.74 -3.35
C GLU B 116 -19.02 33.73 -3.70
N ASP B 117 -19.12 33.29 -4.96
CA ASP B 117 -20.12 32.29 -5.32
C ASP B 117 -19.91 30.99 -4.57
N LEU B 118 -18.65 30.60 -4.35
CA LEU B 118 -18.41 29.36 -3.64
C LEU B 118 -18.76 29.52 -2.18
N ALA B 119 -18.38 30.65 -1.55
CA ALA B 119 -18.73 30.79 -0.14
C ALA B 119 -20.25 30.89 0.04
N ARG B 120 -20.99 31.31 -0.99
CA ARG B 120 -22.43 31.37 -0.90
C ARG B 120 -23.11 30.02 -1.01
N GLN B 121 -22.42 29.00 -1.52
CA GLN B 121 -23.06 27.74 -1.88
C GLN B 121 -22.55 26.54 -1.11
N CYS B 122 -21.56 26.72 -0.23
CA CYS B 122 -20.92 25.67 0.54
C CYS B 122 -20.43 26.27 1.83
N ASP B 123 -20.61 25.56 2.95
CA ASP B 123 -20.19 26.09 4.23
C ASP B 123 -19.04 25.29 4.87
N GLY B 124 -18.26 24.57 4.06
CA GLY B 124 -17.12 23.87 4.62
C GLY B 124 -16.02 24.84 5.01
N ASP B 125 -14.85 24.26 5.33
CA ASP B 125 -13.67 25.07 5.61
C ASP B 125 -12.99 25.45 4.30
N LEU B 126 -13.24 26.66 3.82
CA LEU B 126 -12.73 27.09 2.52
C LEU B 126 -11.44 27.88 2.68
N TRP B 127 -10.40 27.48 1.93
CA TRP B 127 -9.15 28.22 1.87
C TRP B 127 -9.08 28.94 0.54
N PHE B 128 -8.31 30.04 0.51
CA PHE B 128 -8.10 30.72 -0.77
C PHE B 128 -6.63 30.75 -1.11
N GLN B 129 -6.27 30.40 -2.34
CA GLN B 129 -4.86 30.53 -2.72
C GLN B 129 -4.68 31.66 -3.70
N LEU B 130 -3.70 32.48 -3.39
CA LEU B 130 -3.32 33.66 -4.15
C LEU B 130 -1.96 33.44 -4.81
N TYR B 131 -1.85 33.77 -6.08
CA TYR B 131 -0.55 33.79 -6.75
C TYR B 131 0.28 34.97 -6.25
N VAL B 132 1.55 34.99 -6.65
CA VAL B 132 2.38 36.17 -6.49
C VAL B 132 1.93 37.21 -7.52
N ILE B 133 1.26 38.28 -7.09
CA ILE B 133 0.75 39.28 -8.04
C ILE B 133 0.88 40.69 -7.47
N HIS B 134 0.58 41.68 -8.32
CA HIS B 134 0.78 43.08 -7.96
C HIS B 134 -0.25 43.52 -6.92
N ARG B 135 0.25 44.26 -5.92
CA ARG B 135 -0.50 44.53 -4.69
C ARG B 135 -1.95 44.95 -4.90
N GLU B 136 -2.24 45.78 -5.90
CA GLU B 136 -3.60 46.35 -5.99
C GLU B 136 -4.71 45.29 -6.14
N ILE B 137 -4.75 44.54 -7.24
CA ILE B 137 -5.86 43.60 -7.41
C ILE B 137 -5.70 42.42 -6.47
N ALA B 138 -4.49 42.17 -5.99
CA ALA B 138 -4.31 41.15 -4.96
C ALA B 138 -5.11 41.52 -3.71
N GLN B 139 -4.97 42.76 -3.26
CA GLN B 139 -5.73 43.23 -2.11
C GLN B 139 -7.23 43.11 -2.36
N GLY B 140 -7.67 43.21 -3.62
CA GLY B 140 -9.08 43.05 -3.90
C GLY B 140 -9.58 41.65 -3.63
N MET B 141 -8.81 40.64 -4.05
CA MET B 141 -9.18 39.26 -3.80
C MET B 141 -9.02 38.89 -2.34
N VAL B 142 -7.90 39.29 -1.73
CA VAL B 142 -7.72 38.94 -0.33
C VAL B 142 -8.90 39.41 0.50
N LEU B 143 -9.42 40.61 0.20
CA LEU B 143 -10.51 41.17 1.00
C LEU B 143 -11.82 40.44 0.74
N LYS B 144 -12.14 40.14 -0.51
CA LYS B 144 -13.32 39.33 -0.75
C LYS B 144 -13.23 38.03 0.05
N ALA B 145 -12.03 37.44 0.14
CA ALA B 145 -11.92 36.20 0.90
C ALA B 145 -12.09 36.47 2.38
N LEU B 146 -11.52 37.57 2.85
CA LEU B 146 -11.69 37.94 4.25
C LEU B 146 -13.18 38.10 4.58
N HIS B 147 -13.88 38.89 3.77
CA HIS B 147 -15.26 39.28 4.08
C HIS B 147 -16.24 38.13 3.95
N THR B 148 -15.85 37.03 3.30
CA THR B 148 -16.77 35.90 3.13
C THR B 148 -16.38 34.68 3.95
N GLY B 149 -15.46 34.82 4.89
CA GLY B 149 -15.26 33.78 5.87
C GLY B 149 -14.25 32.71 5.52
N TYR B 150 -13.40 32.95 4.52
CA TYR B 150 -12.26 32.08 4.27
C TYR B 150 -11.32 32.12 5.47
N THR B 151 -10.87 30.94 5.91
CA THR B 151 -10.15 30.85 7.17
C THR B 151 -8.64 31.02 7.02
N THR B 152 -8.07 30.63 5.90
CA THR B 152 -6.64 30.64 5.75
C THR B 152 -6.34 31.05 4.33
N LEU B 153 -5.21 31.73 4.18
CA LEU B 153 -4.77 32.20 2.90
C LEU B 153 -3.50 31.47 2.51
N VAL B 154 -3.45 31.01 1.27
CA VAL B 154 -2.26 30.34 0.72
C VAL B 154 -1.63 31.21 -0.34
N LEU B 155 -0.34 31.51 -0.17
CA LEU B 155 0.45 32.23 -1.16
C LEU B 155 1.29 31.24 -1.96
N THR B 156 0.96 31.05 -3.24
CA THR B 156 1.73 30.19 -4.13
C THR B 156 2.85 30.98 -4.81
N THR B 157 4.09 30.56 -4.58
CA THR B 157 5.26 31.32 -4.99
C THR B 157 6.06 30.72 -6.15
N ASP B 158 5.58 29.66 -6.80
CA ASP B 158 6.40 28.92 -7.76
C ASP B 158 5.89 29.03 -9.19
N VAL B 159 5.11 30.06 -9.51
CA VAL B 159 4.64 30.30 -10.87
C VAL B 159 4.85 31.76 -11.29
N ALA B 160 5.88 32.39 -10.76
CA ALA B 160 6.33 33.65 -11.35
C ALA B 160 6.31 33.57 -12.88
N VAL B 161 7.12 32.68 -13.49
CA VAL B 161 6.97 32.41 -14.91
C VAL B 161 6.45 30.99 -15.09
N ASN B 162 5.79 30.78 -16.23
CA ASN B 162 5.13 29.51 -16.51
C ASN B 162 6.11 28.39 -16.82
N GLY B 163 5.84 27.19 -16.28
CA GLY B 163 6.65 26.05 -16.63
C GLY B 163 6.53 25.67 -18.09
N TYR B 164 7.53 24.97 -18.57
CA TYR B 164 7.61 24.60 -19.97
C TYR B 164 7.01 23.21 -20.12
N ARG B 165 5.71 23.19 -20.37
CA ARG B 165 4.91 21.97 -20.49
C ARG B 165 4.70 21.66 -21.95
N GLU B 166 5.46 20.67 -22.45
CA GLU B 166 5.52 20.45 -23.88
C GLU B 166 4.31 19.73 -24.43
N ARG B 167 3.54 19.05 -23.58
CA ARG B 167 2.28 18.50 -24.07
C ARG B 167 1.35 19.62 -24.51
N ASP B 168 1.23 20.66 -23.69
CA ASP B 168 0.38 21.79 -24.07
C ASP B 168 0.91 22.45 -25.34
N LEU B 169 2.24 22.53 -25.46
CA LEU B 169 2.82 23.11 -26.68
C LEU B 169 2.52 22.25 -27.90
N HIS B 170 2.68 20.93 -27.79
CA HIS B 170 2.37 20.09 -28.94
C HIS B 170 0.90 20.16 -29.29
N ASN B 171 0.01 20.26 -28.28
CA ASN B 171 -1.42 20.35 -28.51
C ASN B 171 -1.92 21.75 -28.88
N ARG B 172 -1.12 22.80 -28.68
CA ARG B 172 -1.58 24.18 -28.87
C ARG B 172 -2.70 24.50 -27.89
N PHE B 173 -2.55 24.02 -26.67
CA PHE B 173 -3.53 24.22 -25.63
C PHE B 173 -3.21 25.53 -24.94
N LYS B 174 -3.84 26.60 -25.44
CA LYS B 174 -3.61 27.99 -25.02
C LYS B 174 -4.96 28.71 -25.08
N ILE B 175 -5.12 29.78 -24.28
CA ILE B 175 -6.48 30.31 -24.01
C ILE B 175 -7.21 30.75 -25.27
N PRO B 176 -6.59 31.39 -26.22
CA PRO B 176 -7.24 31.55 -27.54
C PRO B 176 -7.21 30.25 -28.36
N MET B 177 -8.29 29.46 -28.27
CA MET B 177 -8.29 28.09 -28.80
C MET B 177 -8.64 28.02 -30.29
N SER B 178 -9.86 28.41 -30.65
CA SER B 178 -10.42 28.18 -31.97
C SER B 178 -10.61 26.70 -32.28
N TYR B 179 -10.80 26.39 -33.56
CA TYR B 179 -11.16 25.05 -34.00
C TYR B 179 -10.00 24.51 -34.83
N SER B 180 -10.02 23.21 -35.04
CA SER B 180 -8.90 22.65 -35.74
C SER B 180 -9.25 21.24 -36.12
N ALA B 181 -8.50 20.70 -37.08
CA ALA B 181 -8.59 19.29 -37.37
C ALA B 181 -8.48 18.48 -36.08
N LYS B 182 -7.46 18.77 -35.27
CA LYS B 182 -7.23 18.01 -34.04
C LYS B 182 -8.28 18.34 -32.97
N VAL B 183 -8.64 19.63 -32.83
CA VAL B 183 -9.62 20.02 -31.83
C VAL B 183 -10.94 19.32 -32.08
N VAL B 184 -11.46 19.45 -33.30
CA VAL B 184 -12.78 18.88 -33.59
C VAL B 184 -12.71 17.36 -33.43
N LEU B 185 -11.68 16.75 -34.02
CA LEU B 185 -11.50 15.31 -33.90
C LEU B 185 -11.43 14.90 -32.43
N ASP B 186 -10.63 15.61 -31.62
CA ASP B 186 -10.54 15.27 -30.21
C ASP B 186 -11.90 15.37 -29.55
N GLY B 187 -12.63 16.47 -29.80
CA GLY B 187 -13.96 16.63 -29.24
C GLY B 187 -14.95 15.57 -29.69
N CYS B 188 -14.80 15.11 -30.93
CA CYS B 188 -15.77 14.16 -31.47
C CYS B 188 -15.60 12.76 -30.89
N LEU B 189 -14.35 12.34 -30.62
CA LEU B 189 -14.08 11.04 -29.99
C LEU B 189 -14.34 11.03 -28.49
N HIS B 190 -14.81 12.13 -27.94
CA HIS B 190 -15.13 12.21 -26.52
C HIS B 190 -16.50 12.87 -26.38
N PRO B 191 -17.55 12.18 -26.84
CA PRO B 191 -18.90 12.81 -26.91
C PRO B 191 -19.50 13.21 -25.57
N ARG B 192 -19.33 12.42 -24.53
CA ARG B 192 -19.88 12.81 -23.24
C ARG B 192 -19.34 14.16 -22.80
N TRP B 193 -18.03 14.36 -22.90
CA TRP B 193 -17.44 15.62 -22.43
C TRP B 193 -17.84 16.77 -23.33
N SER B 194 -17.82 16.56 -24.65
CA SER B 194 -18.14 17.62 -25.60
C SER B 194 -19.59 18.07 -25.43
N LEU B 195 -20.50 17.12 -25.24
CA LEU B 195 -21.89 17.47 -24.95
C LEU B 195 -21.98 18.31 -23.68
N ASP B 196 -21.33 17.87 -22.60
CA ASP B 196 -21.23 18.70 -21.40
C ASP B 196 -20.73 20.09 -21.74
N PHE B 197 -19.78 20.18 -22.68
CA PHE B 197 -19.12 21.45 -22.98
C PHE B 197 -20.02 22.39 -23.78
N VAL B 198 -20.69 21.87 -24.82
CA VAL B 198 -21.67 22.69 -25.53
C VAL B 198 -22.81 23.11 -24.58
N ARG B 199 -23.38 22.15 -23.85
CA ARG B 199 -24.51 22.47 -22.98
C ARG B 199 -24.20 23.63 -22.02
N HIS B 200 -22.97 23.70 -21.48
CA HIS B 200 -22.64 24.64 -20.40
C HIS B 200 -21.75 25.82 -20.83
N GLY B 201 -21.01 25.71 -21.94
CA GLY B 201 -20.22 26.83 -22.44
C GLY B 201 -18.77 26.87 -21.99
N MET B 202 -18.04 27.86 -22.53
CA MET B 202 -16.63 28.00 -22.19
C MET B 202 -16.50 28.38 -20.72
N PRO B 203 -15.70 27.67 -19.93
CA PRO B 203 -15.48 28.09 -18.54
C PRO B 203 -14.76 29.44 -18.49
N GLN B 204 -14.98 30.16 -17.39
CA GLN B 204 -14.45 31.50 -17.23
C GLN B 204 -13.52 31.57 -16.02
N LEU B 205 -12.53 32.44 -16.11
CA LEU B 205 -11.71 32.75 -14.95
C LEU B 205 -12.54 33.67 -14.09
N ALA B 206 -13.27 33.03 -13.17
CA ALA B 206 -14.37 33.67 -12.49
C ALA B 206 -13.91 34.76 -11.56
N ASN B 207 -12.67 34.72 -11.08
CA ASN B 207 -12.25 35.81 -10.21
C ASN B 207 -11.75 37.02 -11.00
N PHE B 208 -11.84 36.97 -12.33
CA PHE B 208 -11.46 38.07 -13.23
C PHE B 208 -12.63 38.45 -14.12
N VAL B 209 -13.83 38.16 -13.71
CA VAL B 209 -15.01 38.44 -14.51
C VAL B 209 -15.57 39.81 -14.12
N SER B 210 -16.15 40.47 -15.11
CA SER B 210 -16.87 41.73 -14.97
C SER B 210 -17.54 42.04 -16.29
N SER B 211 -18.42 43.04 -16.26
CA SER B 211 -19.06 43.50 -17.48
C SER B 211 -18.04 43.82 -18.56
N GLN B 212 -16.85 44.30 -18.17
CA GLN B 212 -15.80 44.76 -19.08
C GLN B 212 -14.80 43.67 -19.50
N THR B 213 -14.49 42.73 -18.61
CA THR B 213 -13.62 41.57 -18.94
C THR B 213 -14.49 40.31 -18.95
N SER B 214 -15.33 40.23 -19.97
CA SER B 214 -16.45 39.30 -19.96
C SER B 214 -16.21 38.03 -20.74
N SER B 215 -15.02 37.86 -21.32
CA SER B 215 -14.63 36.64 -22.02
C SER B 215 -13.39 35.99 -21.39
N LEU B 216 -13.22 34.68 -21.67
CA LEU B 216 -12.06 33.98 -21.13
C LEU B 216 -10.76 34.57 -21.67
N GLU B 217 -10.72 34.87 -22.96
CA GLU B 217 -9.52 35.48 -23.55
C GLU B 217 -9.17 36.78 -22.81
N MET B 218 -10.17 37.62 -22.54
CA MET B 218 -9.93 38.85 -21.79
C MET B 218 -9.47 38.58 -20.37
N GLN B 219 -10.10 37.59 -19.70
CA GLN B 219 -9.80 37.32 -18.30
C GLN B 219 -8.38 36.78 -18.12
N ALA B 220 -7.99 35.84 -18.98
CA ALA B 220 -6.64 35.28 -18.88
C ALA B 220 -5.57 36.32 -19.11
N ALA B 221 -5.77 37.20 -20.12
CA ALA B 221 -4.83 38.27 -20.39
C ALA B 221 -4.62 39.14 -19.17
N LEU B 222 -5.72 39.46 -18.47
CA LEU B 222 -5.63 40.22 -17.26
C LEU B 222 -4.86 39.44 -16.19
N MET B 223 -5.16 38.15 -16.03
CA MET B 223 -4.49 37.38 -14.98
C MET B 223 -2.99 37.27 -15.23
N SER B 224 -2.57 37.07 -16.48
CA SER B 224 -1.14 36.97 -16.71
C SER B 224 -0.46 38.32 -16.57
N ARG B 225 -1.15 39.42 -16.89
CA ARG B 225 -0.57 40.73 -16.61
C ARG B 225 -0.40 40.99 -15.13
N GLN B 226 -1.05 40.23 -14.26
CA GLN B 226 -0.97 40.54 -12.84
C GLN B 226 0.08 39.75 -12.09
N MET B 227 0.62 38.70 -12.70
CA MET B 227 1.70 37.94 -12.10
C MET B 227 2.87 38.87 -11.82
N ASP B 228 3.47 38.74 -10.65
CA ASP B 228 4.49 39.66 -10.17
C ASP B 228 5.74 38.86 -9.81
N ALA B 229 6.64 38.70 -10.77
CA ALA B 229 7.89 37.99 -10.54
C ALA B 229 8.82 38.72 -9.58
N SER B 230 8.46 39.93 -9.13
CA SER B 230 9.29 40.65 -8.16
C SER B 230 8.88 40.41 -6.72
N PHE B 231 7.77 39.70 -6.48
CA PHE B 231 7.31 39.45 -5.12
C PHE B 231 8.41 38.87 -4.27
N ASN B 232 8.70 39.55 -3.16
CA ASN B 232 9.83 39.19 -2.29
C ASN B 232 9.42 39.15 -0.82
N TRP B 233 10.40 39.10 0.08
CA TRP B 233 10.08 39.06 1.50
C TRP B 233 9.32 40.31 1.93
N GLU B 234 9.59 41.46 1.32
CA GLU B 234 8.87 42.67 1.70
C GLU B 234 7.39 42.53 1.38
N ALA B 235 7.07 42.09 0.16
CA ALA B 235 5.67 41.90 -0.18
C ALA B 235 5.01 40.89 0.76
N LEU B 236 5.75 39.90 1.24
CA LEU B 236 5.14 38.92 2.14
C LEU B 236 4.70 39.58 3.44
N ARG B 237 5.54 40.46 4.00
CA ARG B 237 5.16 41.19 5.20
C ARG B 237 3.93 42.06 4.95
N TRP B 238 3.88 42.70 3.79
CA TRP B 238 2.67 43.43 3.41
C TRP B 238 1.44 42.53 3.49
N LEU B 239 1.55 41.31 2.96
CA LEU B 239 0.43 40.38 2.95
C LEU B 239 0.09 39.91 4.36
N ARG B 240 1.11 39.65 5.17
CA ARG B 240 0.88 39.23 6.54
C ARG B 240 0.07 40.28 7.27
N ASP B 241 0.36 41.56 7.01
CA ASP B 241 -0.34 42.67 7.66
C ASP B 241 -1.74 42.85 7.11
N LEU B 242 -1.95 42.58 5.83
CA LEU B 242 -3.29 42.70 5.26
C LEU B 242 -4.19 41.57 5.72
N TRP B 243 -3.63 40.38 5.96
CA TRP B 243 -4.42 39.19 6.23
C TRP B 243 -4.35 38.84 7.71
N PRO B 244 -5.48 38.81 8.43
CA PRO B 244 -5.41 38.63 9.91
C PRO B 244 -5.45 37.19 10.37
N HIS B 245 -5.84 36.27 9.50
CA HIS B 245 -6.02 34.88 9.91
C HIS B 245 -4.79 34.06 9.57
N LYS B 246 -4.97 32.75 9.36
CA LYS B 246 -3.84 31.88 9.10
C LYS B 246 -3.25 32.15 7.72
N LEU B 247 -1.94 32.23 7.68
CA LEU B 247 -1.23 32.48 6.44
C LEU B 247 -0.22 31.35 6.17
N LEU B 248 -0.31 30.70 5.00
CA LEU B 248 0.69 29.71 4.58
C LEU B 248 1.38 30.09 3.28
N VAL B 249 2.66 29.71 3.17
CA VAL B 249 3.44 29.90 1.96
C VAL B 249 3.66 28.56 1.28
N LYS B 250 3.24 28.47 0.02
CA LYS B 250 3.21 27.26 -0.77
C LYS B 250 4.27 27.35 -1.85
N GLY B 251 4.84 26.19 -2.21
CA GLY B 251 5.84 26.13 -3.26
C GLY B 251 7.27 26.16 -2.78
N LEU B 252 7.51 26.00 -1.49
CA LEU B 252 8.87 25.97 -0.96
C LEU B 252 9.52 24.60 -1.12
N LEU B 253 10.85 24.64 -1.26
CA LEU B 253 11.66 23.44 -1.41
C LEU B 253 12.96 23.53 -0.63
N SER B 254 12.99 24.28 0.47
CA SER B 254 14.12 24.23 1.37
C SER B 254 13.67 24.55 2.80
N ALA B 255 14.36 23.93 3.75
CA ALA B 255 14.15 24.26 5.14
C ALA B 255 14.46 25.73 5.40
N GLU B 256 15.44 26.26 4.67
CA GLU B 256 15.87 27.64 4.88
C GLU B 256 14.77 28.62 4.49
N ASP B 257 14.13 28.39 3.34
CA ASP B 257 13.03 29.25 2.96
C ASP B 257 11.84 29.03 3.88
N ALA B 258 11.63 27.79 4.32
CA ALA B 258 10.52 27.51 5.23
C ALA B 258 10.68 28.34 6.49
N ASP B 259 11.89 28.34 7.04
CA ASP B 259 12.17 29.07 8.27
C ASP B 259 12.01 30.57 8.06
N ARG B 260 12.47 31.06 6.91
CA ARG B 260 12.35 32.48 6.64
C ARG B 260 10.89 32.90 6.55
N CYS B 261 10.03 32.07 5.95
CA CYS B 261 8.61 32.40 5.87
C CYS B 261 8.01 32.57 7.26
N ILE B 262 8.38 31.68 8.18
CA ILE B 262 7.88 31.79 9.53
C ILE B 262 8.41 33.04 10.21
N ALA B 263 9.67 33.39 9.95
CA ALA B 263 10.25 34.59 10.52
C ALA B 263 9.49 35.85 10.10
N GLU B 264 8.98 35.87 8.87
CA GLU B 264 8.24 37.02 8.35
C GLU B 264 6.76 36.93 8.66
N GLY B 265 6.32 35.99 9.50
CA GLY B 265 4.97 35.97 10.03
C GLY B 265 4.06 34.87 9.53
N ALA B 266 4.50 34.04 8.59
CA ALA B 266 3.65 32.95 8.13
C ALA B 266 3.32 32.01 9.29
N ASP B 267 2.13 31.41 9.23
CA ASP B 267 1.74 30.43 10.23
C ASP B 267 2.20 29.03 9.87
N GLY B 268 2.77 28.85 8.68
CA GLY B 268 3.20 27.56 8.22
C GLY B 268 3.48 27.62 6.74
N VAL B 269 3.92 26.48 6.20
CA VAL B 269 4.36 26.41 4.81
C VAL B 269 3.79 25.15 4.16
N ILE B 270 3.76 25.16 2.84
CA ILE B 270 3.42 23.97 2.06
C ILE B 270 4.63 23.67 1.17
N LEU B 271 5.35 22.61 1.49
CA LEU B 271 6.42 22.14 0.63
C LEU B 271 5.82 21.52 -0.62
N SER B 272 6.30 21.94 -1.79
CA SER B 272 5.62 21.61 -3.04
C SER B 272 6.55 21.89 -4.21
N ASN B 273 6.46 21.07 -5.27
CA ASN B 273 7.00 21.48 -6.55
C ASN B 273 5.92 21.56 -7.61
N HIS B 274 4.70 21.86 -7.21
CA HIS B 274 3.62 22.13 -8.15
C HIS B 274 3.30 20.91 -8.98
N GLY B 275 3.39 19.73 -8.38
CA GLY B 275 3.09 18.50 -9.10
C GLY B 275 3.97 18.28 -10.33
N GLY B 276 5.25 18.62 -10.25
CA GLY B 276 6.17 18.44 -11.40
C GLY B 276 5.89 19.29 -12.64
N ARG B 277 5.08 20.36 -12.52
CA ARG B 277 4.62 21.13 -13.67
C ARG B 277 5.47 22.38 -13.95
N GLN B 278 6.36 22.75 -13.02
CA GLN B 278 7.09 24.00 -13.13
C GLN B 278 8.57 23.82 -13.43
N LEU B 279 9.26 22.84 -12.83
CA LEU B 279 10.70 22.67 -13.01
C LEU B 279 11.00 21.18 -12.97
N ASP B 280 11.21 20.59 -14.14
CA ASP B 280 11.37 19.14 -14.22
C ASP B 280 12.40 18.61 -13.22
N CYS B 281 13.49 19.34 -13.02
CA CYS B 281 14.63 18.84 -12.23
C CYS B 281 14.61 19.28 -10.77
N ALA B 282 13.49 19.83 -10.31
CA ALA B 282 13.33 20.15 -8.91
C ALA B 282 13.32 18.89 -8.06
N ILE B 283 13.85 19.01 -6.83
CA ILE B 283 13.68 17.95 -5.83
C ILE B 283 12.20 17.71 -5.56
N SER B 284 11.88 16.50 -5.05
CA SER B 284 10.60 16.28 -4.41
C SER B 284 10.60 16.98 -3.05
N PRO B 285 9.45 17.50 -2.60
CA PRO B 285 9.41 18.09 -1.24
C PRO B 285 9.66 17.07 -0.14
N MET B 286 9.48 15.79 -0.43
CA MET B 286 9.81 14.77 0.57
C MET B 286 11.27 14.81 0.97
N GLU B 287 12.14 15.35 0.10
CA GLU B 287 13.57 15.42 0.37
C GLU B 287 13.93 16.46 1.43
N VAL B 288 13.05 17.43 1.71
CA VAL B 288 13.37 18.43 2.74
C VAL B 288 12.29 18.48 3.83
N LEU B 289 11.46 17.45 3.92
CA LEU B 289 10.35 17.48 4.86
C LEU B 289 10.85 17.40 6.30
N ALA B 290 11.59 16.35 6.61
CA ALA B 290 12.09 16.17 7.95
C ALA B 290 13.00 17.33 8.36
N GLN B 291 13.75 17.90 7.42
CA GLN B 291 14.62 19.03 7.75
C GLN B 291 13.79 20.27 8.05
N SER B 292 12.75 20.50 7.25
CA SER B 292 11.90 21.67 7.44
C SER B 292 11.07 21.53 8.71
N VAL B 293 10.63 20.32 9.01
CA VAL B 293 9.92 20.05 10.25
C VAL B 293 10.82 20.32 11.45
N ALA B 294 12.03 19.77 11.41
CA ALA B 294 12.97 19.98 12.52
C ALA B 294 13.39 21.44 12.62
N LYS B 295 13.53 22.13 11.49
CA LYS B 295 14.10 23.47 11.56
C LYS B 295 13.08 24.48 12.08
N THR B 296 11.82 24.36 11.70
CA THR B 296 10.85 25.40 12.00
C THR B 296 10.05 25.12 13.26
N GLY B 297 9.69 23.88 13.53
CA GLY B 297 8.75 23.64 14.62
C GLY B 297 7.36 24.20 14.38
N LYS B 298 7.02 24.60 13.16
CA LYS B 298 5.67 25.08 12.88
C LYS B 298 5.05 24.18 11.82
N PRO B 299 3.76 24.25 11.59
CA PRO B 299 3.13 23.32 10.64
C PRO B 299 3.83 23.29 9.30
N VAL B 300 4.28 22.10 8.91
CA VAL B 300 4.78 21.86 7.55
C VAL B 300 3.79 20.92 6.89
N LEU B 301 3.12 21.42 5.86
CA LEU B 301 2.27 20.61 5.01
C LEU B 301 3.06 20.28 3.74
N ILE B 302 2.51 19.41 2.90
CA ILE B 302 3.24 18.93 1.72
C ILE B 302 2.24 18.46 0.68
N ASP B 303 2.66 18.54 -0.58
CA ASP B 303 1.98 17.89 -1.69
C ASP B 303 3.03 17.48 -2.73
N SER B 304 2.55 16.93 -3.85
CA SER B 304 3.30 16.61 -5.05
C SER B 304 3.67 15.13 -5.11
N GLY B 305 2.87 14.37 -5.83
CA GLY B 305 3.17 12.96 -6.02
C GLY B 305 2.31 11.99 -5.23
N PHE B 306 1.35 12.45 -4.41
CA PHE B 306 0.64 11.56 -3.49
C PHE B 306 -0.50 10.87 -4.21
N ARG B 307 -0.48 9.53 -4.18
CA ARG B 307 -1.50 8.70 -4.83
C ARG B 307 -2.02 7.57 -3.98
N ARG B 308 -1.26 7.12 -2.98
CA ARG B 308 -1.61 5.97 -2.16
C ARG B 308 -1.61 6.39 -0.70
N GLY B 309 -2.44 5.72 0.10
CA GLY B 309 -2.41 5.94 1.53
C GLY B 309 -1.04 5.75 2.15
N SER B 310 -0.24 4.79 1.66
CA SER B 310 1.12 4.64 2.19
C SER B 310 1.98 5.87 1.91
N ASP B 311 1.81 6.49 0.74
CA ASP B 311 2.54 7.73 0.47
C ASP B 311 2.24 8.75 1.54
N ILE B 312 0.94 8.95 1.82
CA ILE B 312 0.51 9.95 2.78
C ILE B 312 1.09 9.63 4.15
N VAL B 313 1.00 8.35 4.57
CA VAL B 313 1.43 7.95 5.91
C VAL B 313 2.90 8.20 6.11
N LYS B 314 3.69 8.00 5.06
CA LYS B 314 5.12 8.22 5.18
C LYS B 314 5.42 9.68 5.44
N ALA B 315 4.74 10.58 4.74
CA ALA B 315 4.91 12.01 5.00
C ALA B 315 4.51 12.34 6.44
N LEU B 316 3.39 11.79 6.92
CA LEU B 316 2.96 12.13 8.27
C LEU B 316 3.96 11.63 9.31
N ALA B 317 4.54 10.45 9.08
CA ALA B 317 5.51 9.93 10.05
C ALA B 317 6.81 10.74 10.07
N LEU B 318 7.15 11.41 8.97
CA LEU B 318 8.33 12.27 8.96
C LEU B 318 8.04 13.67 9.50
N GLY B 319 6.78 14.00 9.79
CA GLY B 319 6.49 15.22 10.53
C GLY B 319 5.44 16.09 9.88
N ALA B 320 5.04 15.74 8.67
CA ALA B 320 4.09 16.57 7.95
C ALA B 320 2.79 16.68 8.72
N GLU B 321 2.25 17.89 8.77
CA GLU B 321 0.97 18.12 9.44
C GLU B 321 -0.20 17.63 8.58
N ALA B 322 -0.09 17.68 7.26
CA ALA B 322 -1.18 17.26 6.38
C ALA B 322 -0.69 17.20 4.94
N VAL B 323 -1.49 16.57 4.10
CA VAL B 323 -1.12 16.33 2.72
C VAL B 323 -2.22 16.89 1.84
N LEU B 324 -1.84 17.67 0.84
CA LEU B 324 -2.78 18.18 -0.14
C LEU B 324 -2.82 17.34 -1.40
N LEU B 325 -4.03 17.04 -1.85
CA LEU B 325 -4.25 16.27 -3.06
C LEU B 325 -4.49 17.22 -4.23
N GLY B 326 -3.82 16.96 -5.35
CA GLY B 326 -4.06 17.68 -6.58
C GLY B 326 -4.74 16.74 -7.57
N ARG B 327 -3.91 16.05 -8.36
CA ARG B 327 -4.46 15.17 -9.40
C ARG B 327 -5.32 14.07 -8.82
N ALA B 328 -4.99 13.57 -7.61
CA ALA B 328 -5.68 12.37 -7.11
C ALA B 328 -7.18 12.58 -7.09
N THR B 329 -7.65 13.66 -6.46
CA THR B 329 -9.07 13.94 -6.48
C THR B 329 -9.55 14.55 -7.78
N LEU B 330 -8.66 15.15 -8.59
CA LEU B 330 -9.10 15.61 -9.89
C LEU B 330 -9.46 14.44 -10.78
N TYR B 331 -8.80 13.29 -10.60
CA TYR B 331 -9.22 12.09 -11.34
C TYR B 331 -10.65 11.75 -11.03
N GLY B 332 -11.04 11.76 -9.76
CA GLY B 332 -12.41 11.46 -9.45
C GLY B 332 -13.36 12.45 -10.11
N LEU B 333 -12.98 13.72 -10.11
CA LEU B 333 -13.85 14.76 -10.65
C LEU B 333 -14.18 14.52 -12.13
N ALA B 334 -13.17 14.36 -12.99
CA ALA B 334 -13.50 14.31 -14.41
C ALA B 334 -14.00 12.95 -14.84
N ALA B 335 -13.82 11.95 -14.00
CA ALA B 335 -14.34 10.63 -14.28
C ALA B 335 -15.83 10.58 -13.99
N ARG B 336 -16.21 11.16 -12.83
CA ARG B 336 -17.55 10.97 -12.27
C ARG B 336 -18.08 12.17 -11.46
N GLY B 337 -17.55 13.36 -11.65
CA GLY B 337 -18.12 14.50 -10.98
C GLY B 337 -17.94 14.44 -9.49
N GLU B 338 -18.85 15.11 -8.78
CA GLU B 338 -18.78 15.21 -7.33
C GLU B 338 -18.80 13.86 -6.66
N THR B 339 -19.54 12.90 -7.24
CA THR B 339 -19.57 11.55 -6.71
C THR B 339 -18.20 10.90 -6.83
N GLY B 340 -17.52 11.12 -7.97
CA GLY B 340 -16.16 10.63 -8.11
C GLY B 340 -15.24 11.14 -7.01
N VAL B 341 -15.35 12.43 -6.68
CA VAL B 341 -14.46 12.97 -5.65
C VAL B 341 -14.73 12.31 -4.31
N ASP B 342 -16.02 12.12 -3.99
CA ASP B 342 -16.44 11.40 -2.79
C ASP B 342 -15.83 10.01 -2.73
N GLU B 343 -15.90 9.28 -3.84
CA GLU B 343 -15.41 7.91 -3.85
C GLU B 343 -13.89 7.88 -3.65
N VAL B 344 -13.16 8.80 -4.29
CA VAL B 344 -11.71 8.83 -4.13
C VAL B 344 -11.34 9.13 -2.68
N LEU B 345 -11.97 10.13 -2.08
CA LEU B 345 -11.69 10.39 -0.66
C LEU B 345 -12.13 9.23 0.24
N THR B 346 -13.18 8.50 -0.14
CA THR B 346 -13.61 7.38 0.72
C THR B 346 -12.54 6.28 0.70
N LEU B 347 -12.00 5.97 -0.48
CA LEU B 347 -10.91 5.00 -0.61
C LEU B 347 -9.66 5.43 0.14
N LEU B 348 -9.25 6.68 -0.02
CA LEU B 348 -8.02 7.15 0.59
C LEU B 348 -8.13 7.12 2.09
N LYS B 349 -9.31 7.41 2.63
CA LYS B 349 -9.51 7.31 4.07
C LYS B 349 -9.44 5.86 4.51
N ALA B 350 -10.14 4.98 3.80
CA ALA B 350 -10.05 3.58 4.13
C ALA B 350 -8.62 3.12 4.03
N ASP B 351 -7.91 3.61 3.00
CA ASP B 351 -6.51 3.21 2.73
C ASP B 351 -5.57 3.68 3.83
N ILE B 352 -5.64 4.96 4.21
CA ILE B 352 -4.88 5.42 5.37
C ILE B 352 -5.25 4.60 6.60
N ASP B 353 -6.53 4.32 6.76
CA ASP B 353 -6.95 3.64 7.98
C ASP B 353 -6.42 2.20 8.02
N ARG B 354 -6.52 1.50 6.88
CA ARG B 354 -5.92 0.17 6.75
C ARG B 354 -4.42 0.17 6.98
N THR B 355 -3.72 1.17 6.46
CA THR B 355 -2.28 1.25 6.65
C THR B 355 -1.92 1.41 8.12
N LEU B 356 -2.64 2.26 8.82
CA LEU B 356 -2.38 2.41 10.25
C LEU B 356 -2.57 1.11 11.01
N ALA B 357 -3.62 0.37 10.67
CA ALA B 357 -3.82 -0.95 11.25
C ALA B 357 -2.58 -1.82 11.05
N GLN B 358 -2.14 -1.95 9.78
CA GLN B 358 -1.09 -2.91 9.43
C GLN B 358 0.26 -2.54 10.04
N ILE B 359 0.52 -1.26 10.29
CA ILE B 359 1.79 -0.89 10.93
C ILE B 359 1.69 -0.80 12.45
N GLY B 360 0.52 -1.07 13.03
CA GLY B 360 0.38 -1.07 14.48
C GLY B 360 0.37 0.30 15.12
N CYS B 361 -0.16 1.32 14.45
CA CYS B 361 -0.20 2.65 15.02
C CYS B 361 -1.65 3.14 15.01
N PRO B 362 -2.37 2.99 16.12
CA PRO B 362 -3.82 3.23 16.06
C PRO B 362 -4.20 4.71 16.00
N ASP B 363 -3.40 5.61 16.57
CA ASP B 363 -3.71 7.05 16.62
C ASP B 363 -2.76 7.80 15.69
N ILE B 364 -3.32 8.39 14.63
CA ILE B 364 -2.51 8.98 13.56
C ILE B 364 -1.52 9.99 14.09
N THR B 365 -1.82 10.64 15.22
CA THR B 365 -0.93 11.65 15.77
C THR B 365 0.31 11.04 16.39
N SER B 366 0.34 9.74 16.64
CA SER B 366 1.52 9.10 17.21
C SER B 366 2.47 8.54 16.14
N LEU B 367 2.23 8.84 14.86
CA LEU B 367 3.18 8.44 13.82
C LEU B 367 4.53 9.11 14.05
N SER B 368 5.58 8.40 13.65
CA SER B 368 6.94 8.84 13.87
C SER B 368 7.84 8.07 12.90
N PRO B 369 9.08 8.52 12.70
CA PRO B 369 10.01 7.75 11.85
C PRO B 369 10.33 6.38 12.40
N ASP B 370 9.94 6.10 13.64
CA ASP B 370 10.21 4.80 14.23
C ASP B 370 9.54 3.71 13.40
N TYR B 371 8.49 4.07 12.69
CA TYR B 371 7.78 3.12 11.87
C TYR B 371 8.39 2.97 10.48
N LEU B 372 9.48 3.65 10.19
CA LEU B 372 10.04 3.67 8.86
C LEU B 372 11.42 3.03 8.85
N GLN B 373 11.73 2.38 7.73
CA GLN B 373 13.08 1.91 7.43
C GLN B 373 13.59 2.69 6.24
N ASN B 374 14.82 3.22 6.39
CA ASN B 374 15.32 4.25 5.49
C ASN B 374 15.67 3.74 4.10
N GLU B 375 15.95 2.48 3.93
CA GLU B 375 16.36 1.99 2.60
C GLU B 375 17.50 2.84 1.97
N1 FMN C . -0.24 -17.26 6.68
C2 FMN C . -0.92 -17.61 7.81
O2 FMN C . -0.42 -17.47 8.93
N3 FMN C . -2.18 -18.13 7.72
C4 FMN C . -2.75 -18.30 6.51
O4 FMN C . -3.88 -18.77 6.44
C4A FMN C . -2.10 -17.95 5.36
N5 FMN C . -2.70 -18.15 4.14
C5A FMN C . -2.03 -17.87 2.98
C6 FMN C . -2.65 -18.12 1.75
C7 FMN C . -1.99 -17.87 0.57
C7M FMN C . -2.69 -18.15 -0.73
C8 FMN C . -0.70 -17.36 0.63
C8M FMN C . 0.08 -17.08 -0.63
C9 FMN C . -0.09 -17.13 1.85
C9A FMN C . -0.76 -17.38 3.04
N10 FMN C . -0.17 -17.13 4.27
C10 FMN C . -0.84 -17.44 5.44
C1' FMN C . 1.22 -16.61 4.37
C2' FMN C . 2.17 -17.77 4.28
O2' FMN C . 2.03 -18.53 5.46
C3' FMN C . 3.61 -17.31 4.17
O3' FMN C . 3.86 -16.43 5.24
C4' FMN C . 3.94 -16.67 2.85
O4' FMN C . 3.31 -17.40 1.84
C5' FMN C . 5.43 -16.75 2.60
O5' FMN C . 5.77 -16.12 1.38
P FMN C . 6.01 -16.91 0.04
O1P FMN C . 6.71 -15.95 -0.80
O2P FMN C . 4.75 -17.30 -0.63
O3P FMN C . 6.81 -18.15 0.30
HN3 FMN C . -2.69 -18.38 8.59
H6 FMN C . -3.66 -18.52 1.72
HM71 FMN C . -2.03 -17.90 -1.56
HM72 FMN C . -3.60 -17.56 -0.79
HM73 FMN C . -2.96 -19.21 -0.78
HM81 FMN C . 1.06 -16.70 -0.38
HM82 FMN C . -0.47 -16.34 -1.22
HM83 FMN C . 0.18 -18.00 -1.21
H9 FMN C . 0.92 -16.73 1.88
H1'1 FMN C . 1.41 -15.90 3.56
H1'2 FMN C . 1.36 -16.08 5.31
H2' FMN C . 1.92 -18.38 3.40
HO2' FMN C . 2.90 -18.57 5.92
H3' FMN C . 4.25 -18.19 4.29
HO3' FMN C . 4.19 -15.58 4.88
H4' FMN C . 3.61 -15.63 2.84
HO4' FMN C . 3.98 -17.79 1.24
H5'1 FMN C . 5.97 -16.27 3.41
H5'2 FMN C . 5.74 -17.80 2.58
C1 GOL D . -7.85 -34.63 -11.47
O1 GOL D . -7.42 -34.94 -12.80
C2 GOL D . -7.82 -35.96 -10.77
O2 GOL D . -6.87 -36.79 -11.44
C3 GOL D . -7.49 -35.87 -9.28
O3 GOL D . -7.03 -37.18 -8.94
C1 GOL E . -7.86 -35.64 -15.77
O1 GOL E . -7.55 -35.45 -17.15
C2 GOL E . -8.84 -34.54 -15.40
O2 GOL E . -9.64 -34.22 -16.53
C3 GOL E . -9.73 -34.88 -14.22
O3 GOL E . -10.24 -33.67 -13.67
C1 GOL F . -3.93 -15.04 4.22
O1 GOL F . -4.29 -15.06 5.61
C2 GOL F . -5.21 -15.43 3.46
O2 GOL F . -5.04 -15.51 2.05
C3 GOL F . -5.71 -16.78 4.01
O3 GOL F . -7.12 -16.73 4.26
S SO4 G . -8.93 -16.20 -19.40
O1 SO4 G . -9.56 -15.29 -18.44
O2 SO4 G . -7.46 -16.01 -19.52
O3 SO4 G . -9.22 -17.57 -18.94
O4 SO4 G . -9.49 -15.92 -20.72
C1 EDO H . -17.11 -27.68 -17.31
O1 EDO H . -15.92 -27.69 -18.13
C2 EDO H . -17.18 -28.98 -16.48
O2 EDO H . -18.40 -28.97 -15.70
C1 EDO I . -24.41 -22.40 -14.96
O1 EDO I . -23.55 -23.53 -14.73
C2 EDO I . -24.44 -22.08 -16.44
O2 EDO I . -25.24 -20.92 -16.67
C1 EDO J . 4.07 -13.50 -10.37
O1 EDO J . 3.49 -14.50 -11.22
C2 EDO J . 3.19 -12.25 -10.49
O2 EDO J . 3.63 -11.22 -9.58
C1 EDO K . 34.23 -27.25 -4.40
O1 EDO K . 32.96 -27.25 -5.10
C2 EDO K . 34.14 -26.54 -3.03
O2 EDO K . 35.10 -27.08 -2.08
C1 CIT L . -6.76 -27.25 -19.54
O1 CIT L . -5.92 -26.33 -19.55
O2 CIT L . -6.67 -28.19 -18.77
C2 CIT L . -7.96 -27.17 -20.44
C3 CIT L . -7.76 -27.90 -21.74
O7 CIT L . -6.42 -28.39 -21.68
C4 CIT L . -8.70 -29.10 -21.84
C5 CIT L . -8.28 -29.99 -22.99
O3 CIT L . -8.01 -31.20 -22.83
O4 CIT L . -8.22 -29.49 -24.13
C6 CIT L . -8.03 -26.85 -22.82
O5 CIT L . -7.16 -26.59 -23.68
O6 CIT L . -9.10 -26.17 -22.86
C1 EDO M . -3.73 -36.37 -1.41
O1 EDO M . -5.03 -35.75 -1.47
C2 EDO M . -3.67 -37.28 -0.20
O2 EDO M . -4.95 -37.95 -0.08
N1 FMN N . -1.41 25.26 -7.50
C2 FMN N . -1.76 26.55 -7.21
O2 FMN N . -1.27 27.10 -6.23
N3 FMN N . -2.65 27.21 -8.01
C4 FMN N . -3.17 26.58 -9.10
O4 FMN N . -3.99 27.14 -9.84
C4A FMN N . -2.81 25.29 -9.40
N5 FMN N . -3.37 24.71 -10.51
C5A FMN N . -3.11 23.43 -10.84
C6 FMN N . -3.73 22.86 -11.96
C7 FMN N . -3.48 21.53 -12.28
C7M FMN N . -4.15 20.91 -13.48
C8 FMN N . -2.60 20.81 -11.45
C8M FMN N . -2.24 19.37 -11.74
C9 FMN N . -1.99 21.38 -10.35
C9A FMN N . -2.23 22.70 -10.03
N10 FMN N . -1.64 23.30 -8.93
C10 FMN N . -1.94 24.63 -8.61
C1' FMN N . -0.69 22.57 -8.04
C2' FMN N . -1.42 21.78 -6.99
O2' FMN N . -1.98 22.69 -6.09
C3' FMN N . -0.49 20.83 -6.27
O3' FMN N . 0.64 21.57 -5.82
C4' FMN N . -0.07 19.64 -7.16
O4' FMN N . -1.08 19.16 -8.04
C5' FMN N . 0.32 18.44 -6.30
O5' FMN N . 0.90 17.47 -7.12
P FMN N . 0.04 16.15 -7.46
O1P FMN N . 0.94 15.06 -7.89
O2P FMN N . -0.90 16.55 -8.63
O3P FMN N . -0.81 15.75 -6.28
HN3 FMN N . -3.04 28.13 -7.71
H6 FMN N . -4.26 23.50 -12.66
HM71 FMN N . -3.84 19.87 -13.58
HM72 FMN N . -3.86 21.46 -14.38
HM73 FMN N . -5.24 20.96 -13.36
HM81 FMN N . -1.53 19.01 -11.00
HM82 FMN N . -3.15 18.76 -11.71
HM83 FMN N . -1.80 19.30 -12.74
H9 FMN N . -1.32 20.79 -9.74
H1'1 FMN N . -0.08 21.90 -8.64
H1'2 FMN N . -0.03 23.28 -7.55
H2' FMN N . -2.21 21.20 -7.47
HO2' FMN N . -1.63 22.51 -5.19
H3' FMN N . -1.01 20.43 -5.41
HO3' FMN N . 1.46 21.17 -6.17
H4' FMN N . 0.81 19.93 -7.73
HO4' FMN N . -1.25 18.22 -7.86
H5'1 FMN N . 1.03 18.75 -5.53
H5'2 FMN N . -0.56 18.04 -5.80
C2 PEG O . -23.50 13.52 -18.28
O2 PEG O . -23.76 12.37 -19.09
C3 PEG O . -24.21 12.62 -20.40
C4 PEG O . -23.14 13.31 -21.27
O4 PEG O . -22.69 14.53 -20.69
C1 GOL P . -0.93 26.84 -13.55
O1 GOL P . -1.17 27.08 -12.16
C2 GOL P . -1.47 25.47 -13.97
O2 GOL P . -0.87 24.52 -13.11
C3 GOL P . -3.02 25.38 -13.99
O3 GOL P . -3.79 26.51 -13.45
P PO4 Q . -7.26 10.95 -29.82
O1 PO4 Q . -6.84 9.82 -30.76
O2 PO4 Q . -7.06 10.46 -28.39
O3 PO4 Q . -8.72 11.32 -29.96
O4 PO4 Q . -6.47 12.21 -30.17
NA NA R . -16.06 36.83 -5.78
C1 EDO S . -7.66 2.47 -1.58
O1 EDO S . -7.53 2.46 -3.00
C2 EDO S . -8.93 1.70 -1.21
O2 EDO S . -9.17 1.80 0.20
C1B LMT T . -11.35 23.51 -26.24
C2B LMT T . -12.03 23.83 -27.61
C3B LMT T . -13.14 22.82 -27.93
C4B LMT T . -12.50 21.41 -27.98
C5B LMT T . -11.71 21.14 -26.68
C6B LMT T . -10.83 19.96 -26.97
O1B LMT T . -12.16 23.83 -25.10
O2B LMT T . -12.53 25.11 -27.57
O3B LMT T . -13.80 23.14 -29.08
O4' LMT T . -13.45 20.40 -28.14
O5B LMT T . -10.88 22.17 -26.17
O6B LMT T . -11.62 18.97 -27.47
C1' LMT T . -10.36 25.66 -22.33
C2' LMT T . -9.94 25.06 -23.66
C3' LMT T . -10.24 23.55 -23.62
C4' LMT T . -11.74 23.39 -23.78
C5' LMT T . -12.23 24.37 -22.68
C6' LMT T . -13.41 23.91 -21.88
O1' LMT T . -9.28 25.81 -21.51
O2' LMT T . -10.73 25.67 -24.61
O3' LMT T . -9.86 23.01 -22.43
O5' LMT T . -11.21 24.69 -21.76
O6' LMT T . -12.91 23.53 -20.66
C1 LMT T . -8.34 26.77 -21.98
C2 LMT T . -7.01 26.06 -22.13
C3 LMT T . -5.86 26.91 -21.77
C4 LMT T . -4.64 26.16 -21.31
C5 LMT T . -3.83 27.09 -20.43
C6 LMT T . -2.41 27.29 -20.89
C7 LMT T . -2.07 28.75 -20.76
C8 LMT T . -0.59 28.91 -20.91
C9 LMT T . -0.17 30.30 -21.26
C10 LMT T . 1.13 30.24 -22.02
C11 LMT T . 2.24 30.86 -21.25
C12 LMT T . 3.53 30.82 -21.99
H1B LMT T . -10.52 24.01 -26.23
H2B LMT T . -11.34 23.71 -28.28
H3B LMT T . -13.76 22.84 -27.19
H4B LMT T . -11.85 21.41 -28.70
H5B LMT T . -12.34 20.87 -26.00
H6'2 LMT T . -10.34 19.72 -26.17
H6'1 LMT T . -10.12 20.23 -27.58
H1' LMT T . -10.85 26.47 -22.50
H2' LMT T . -8.98 25.19 -23.76
H3' LMT T . -9.83 23.15 -24.40
H4' LMT T . -12.00 22.48 -23.56
H5' LMT T . -12.53 25.16 -23.16
H6D LMT T . -13.84 23.19 -22.36
H6E LMT T . -14.09 24.60 -21.86
H12 LMT T . -8.24 27.55 -21.42
H11 LMT T . -8.64 27.16 -22.83
H22 LMT T . -6.92 25.76 -23.04
H21 LMT T . -7.01 25.26 -21.58
H32 LMT T . -6.11 27.56 -21.09
H31 LMT T . -5.61 27.47 -22.52
H42 LMT T . -4.12 25.85 -22.07
H41 LMT T . -4.89 25.36 -20.83
H52 LMT T . -3.82 26.74 -19.53
H51 LMT T . -4.27 27.94 -20.38
H62 LMT T . -2.29 26.98 -21.80
H61 LMT T . -1.80 26.74 -20.36
H72 LMT T . -2.38 29.09 -19.92
H71 LMT T . -2.54 29.25 -21.44
H82 LMT T . -0.26 28.29 -21.59
H81 LMT T . -0.15 28.64 -20.09
H92 LMT T . -0.08 30.86 -20.47
H91 LMT T . -0.85 30.75 -21.79
H102 LMT T . 1.05 30.66 -22.88
H101 LMT T . 1.35 29.31 -22.22
H112 LMT T . 2.35 30.40 -20.39
H111 LMT T . 2.01 31.78 -21.03
H123 LMT T . 3.78 29.91 -22.22
H122 LMT T . 4.26 31.21 -21.48
H121 LMT T . 3.45 31.31 -22.83
C1 EDO U . -1.41 -4.85 14.66
O1 EDO U . -0.35 -4.44 15.56
C2 EDO U . -0.89 -5.32 13.29
O2 EDO U . -1.50 -6.57 12.93
#